data_6SFR
#
_entry.id   6SFR
#
_cell.length_a   84
_cell.length_b   39.292
_cell.length_c   176.494
_cell.angle_alpha   90
_cell.angle_beta   90.03
_cell.angle_gamma   90
#
_symmetry.space_group_name_H-M   'P 1 21 1'
#
loop_
_entity.id
_entity.type
_entity.pdbx_description
1 polymer 'Son of sevenless homolog 1'
2 non-polymer IMIDAZOLE
3 non-polymer 6,7-dimethoxy-~{N}-[(1~{R})-1-phenylethyl]quinazolin-4-amine
4 water water
#
_entity_poly.entity_id   1
_entity_poly.type   'polypeptide(L)'
_entity_poly.pdbx_seq_one_letter_code
;GEEQMRLPSADVYRFAEPDSEENIIFEENMQPKAGIPIIKAGTVIKLIERLTYHMYADPNFVRTFLTTYRSFCKPQELLS
LIIERFEIPEPEPTEADRIAIENGDQPLSAELKRFRKEYIQPVQLRVLNVCRHWVEHHFYDFERDAYLLQRMEEFIGTVR
GKAMKKWVESITKIIQRKKIARDNGPGHNITFQSSPPTVEWHISRPGHIETFDLLTLHPIEIARQLTLLESDLYRAVQPS
ELVGSVWTKEDKEINSPNLLKMIRHTTNLTLWFEKCIVETENLEERVAVVSRIIEILQVFQELNNFNGVLEVVSAMNSSP
VYRLDHTFEQIPSRQKKILEEAHELSEDHYKKYLAKLRSINPPCVPFFGIYLTNILKTEEGNPEVLKRHGKELINFSKRR
KVAEITGEIQQYQNQPYCLRVESDIKRFFENLNPMGNSMEKEFTDYLFNKSLEIEPRNPKPLPRFPKKYSYPLKSPGVRP
SNPRPGT
;
_entity_poly.pdbx_strand_id   A,B
#
loop_
_chem_comp.id
_chem_comp.type
_chem_comp.name
_chem_comp.formula
IMD non-polymer IMIDAZOLE 'C3 H5 N2 1'
LBK non-polymer 6,7-dimethoxy-~{N}-[(1~{R})-1-phenylethyl]quinazolin-4-amine 'C18 H19 N3 O2'
#
# COMPACT_ATOMS: atom_id res chain seq x y z
N GLY A 1 23.77 -9.53 -23.87
CA GLY A 1 24.85 -10.30 -23.28
C GLY A 1 24.84 -11.76 -23.69
N GLU A 2 26.01 -12.42 -23.61
CA GLU A 2 26.26 -13.84 -23.99
C GLU A 2 25.10 -14.82 -23.71
N GLU A 3 24.49 -14.75 -22.51
CA GLU A 3 23.37 -15.63 -22.13
C GLU A 3 22.12 -15.31 -22.97
N GLN A 4 21.81 -14.02 -23.20
CA GLN A 4 20.63 -13.65 -23.97
C GLN A 4 20.81 -13.88 -25.49
N MET A 5 22.06 -13.81 -26.01
CA MET A 5 22.33 -14.06 -27.44
C MET A 5 22.14 -15.54 -27.81
N ARG A 6 22.36 -16.46 -26.85
CA ARG A 6 22.17 -17.90 -27.09
C ARG A 6 20.69 -18.31 -27.06
N LEU A 7 19.77 -17.45 -26.54
CA LEU A 7 18.32 -17.75 -26.54
C LEU A 7 17.72 -17.29 -27.87
N PRO A 8 16.53 -17.79 -28.28
CA PRO A 8 15.97 -17.34 -29.57
C PRO A 8 15.55 -15.88 -29.60
N SER A 9 15.59 -15.28 -30.80
CA SER A 9 15.20 -13.88 -30.99
C SER A 9 13.68 -13.69 -30.78
N ALA A 10 13.27 -12.50 -30.33
CA ALA A 10 11.85 -12.17 -30.08
C ALA A 10 10.98 -12.24 -31.35
N ASP A 11 11.59 -12.07 -32.53
CA ASP A 11 10.88 -12.17 -33.82
C ASP A 11 10.50 -13.61 -34.20
N VAL A 12 11.13 -14.62 -33.57
CA VAL A 12 10.84 -16.04 -33.86
C VAL A 12 10.26 -16.82 -32.67
N TYR A 13 10.33 -16.26 -31.45
CA TYR A 13 9.89 -17.00 -30.26
C TYR A 13 9.47 -16.01 -29.19
N ARG A 14 8.29 -16.18 -28.59
CA ARG A 14 7.79 -15.21 -27.60
C ARG A 14 8.17 -15.43 -26.12
N PHE A 15 8.73 -16.58 -25.76
CA PHE A 15 9.00 -16.89 -24.36
C PHE A 15 10.45 -16.75 -23.90
N ALA A 16 11.25 -15.92 -24.61
CA ALA A 16 12.65 -15.71 -24.26
C ALA A 16 13.02 -14.24 -24.05
N GLU A 17 12.05 -13.30 -23.96
CA GLU A 17 12.39 -11.90 -23.70
C GLU A 17 13.04 -11.79 -22.31
N PRO A 18 13.99 -10.88 -22.08
CA PRO A 18 14.59 -10.78 -20.73
C PRO A 18 13.58 -10.42 -19.64
N ASP A 19 13.82 -10.92 -18.41
CA ASP A 19 12.97 -10.55 -17.29
C ASP A 19 13.20 -9.08 -16.99
N SER A 20 12.17 -8.40 -16.50
CA SER A 20 12.25 -6.99 -16.12
C SER A 20 11.20 -6.72 -15.07
N GLU A 21 11.30 -5.55 -14.44
CA GLU A 21 10.34 -5.13 -13.43
C GLU A 21 8.94 -4.91 -14.00
N GLU A 22 8.81 -4.76 -15.34
CA GLU A 22 7.50 -4.57 -15.96
C GLU A 22 6.94 -5.82 -16.67
N ASN A 23 7.51 -7.03 -16.46
CA ASN A 23 6.89 -8.25 -17.01
C ASN A 23 6.78 -9.39 -15.97
N ILE A 24 7.56 -9.34 -14.89
CA ILE A 24 7.52 -10.33 -13.83
C ILE A 24 8.08 -9.78 -12.50
N ILE A 25 7.41 -10.06 -11.38
CA ILE A 25 7.92 -9.69 -10.06
C ILE A 25 7.76 -10.88 -9.12
N PHE A 26 8.60 -10.90 -8.09
CA PHE A 26 8.67 -11.99 -7.11
C PHE A 26 8.42 -11.50 -5.70
N GLU A 27 8.11 -12.43 -4.81
CA GLU A 27 7.85 -12.15 -3.39
C GLU A 27 9.10 -11.66 -2.68
N GLY A 35 16.26 -20.47 -2.07
CA GLY A 35 15.60 -21.55 -2.80
C GLY A 35 15.01 -21.11 -4.13
N ILE A 36 13.95 -21.78 -4.59
CA ILE A 36 13.25 -21.41 -5.83
C ILE A 36 12.49 -20.10 -5.55
N PRO A 37 12.66 -19.02 -6.35
CA PRO A 37 11.85 -17.80 -6.10
C PRO A 37 10.34 -18.00 -6.27
N ILE A 38 9.55 -17.22 -5.54
CA ILE A 38 8.08 -17.33 -5.53
C ILE A 38 7.51 -16.19 -6.36
N ILE A 39 6.83 -16.53 -7.47
CA ILE A 39 6.27 -15.52 -8.37
C ILE A 39 5.12 -14.79 -7.71
N LYS A 40 5.19 -13.46 -7.74
CA LYS A 40 4.20 -12.57 -7.19
C LYS A 40 3.23 -12.16 -8.28
N ALA A 41 3.78 -11.68 -9.40
CA ALA A 41 2.99 -11.24 -10.54
C ALA A 41 3.75 -11.34 -11.84
N GLY A 42 3.04 -11.39 -12.95
CA GLY A 42 3.66 -11.43 -14.27
C GLY A 42 2.69 -11.43 -15.42
N THR A 43 3.18 -11.18 -16.64
CA THR A 43 2.31 -11.24 -17.83
C THR A 43 1.99 -12.73 -18.06
N VAL A 44 0.89 -13.09 -18.72
CA VAL A 44 0.60 -14.52 -18.95
C VAL A 44 1.83 -15.17 -19.67
N ILE A 45 2.49 -14.45 -20.61
CA ILE A 45 3.66 -15.02 -21.31
C ILE A 45 4.80 -15.34 -20.32
N LYS A 46 5.10 -14.45 -19.37
CA LYS A 46 6.16 -14.72 -18.39
C LYS A 46 5.72 -15.81 -17.39
N LEU A 47 4.39 -15.95 -17.13
CA LEU A 47 3.85 -17.02 -16.27
C LEU A 47 4.02 -18.38 -16.95
N ILE A 48 3.79 -18.45 -18.28
CA ILE A 48 3.97 -19.68 -19.07
C ILE A 48 5.46 -20.07 -19.11
N GLU A 49 6.36 -19.08 -19.22
CA GLU A 49 7.80 -19.32 -19.29
C GLU A 49 8.29 -19.97 -18.02
N ARG A 50 7.90 -19.41 -16.85
CA ARG A 50 8.28 -19.97 -15.55
C ARG A 50 7.56 -21.24 -15.21
N LEU A 51 6.39 -21.48 -15.84
CA LEU A 51 5.65 -22.71 -15.63
C LEU A 51 6.41 -23.89 -16.25
N THR A 52 7.20 -23.60 -17.29
CA THR A 52 7.99 -24.54 -18.06
C THR A 52 9.46 -24.11 -18.08
N TYR A 53 9.97 -23.62 -16.94
CA TYR A 53 11.33 -23.09 -16.82
C TYR A 53 12.42 -24.15 -17.05
N HIS A 54 13.41 -23.82 -17.90
CA HIS A 54 14.50 -24.76 -18.22
C HIS A 54 15.47 -25.04 -17.06
N MET A 55 15.70 -24.05 -16.18
N MET A 55 15.70 -24.06 -16.17
CA MET A 55 16.67 -24.22 -15.09
CA MET A 55 16.68 -24.21 -15.09
C MET A 55 16.30 -25.24 -14.01
C MET A 55 16.30 -25.24 -14.01
N TYR A 56 15.01 -25.39 -13.68
CA TYR A 56 14.58 -26.35 -12.67
C TYR A 56 13.09 -26.65 -12.74
N ALA A 57 12.68 -27.78 -12.13
CA ALA A 57 11.27 -28.15 -11.99
C ALA A 57 10.73 -27.28 -10.84
N ASP A 58 9.44 -26.98 -10.86
CA ASP A 58 8.80 -26.12 -9.86
C ASP A 58 7.41 -26.70 -9.54
N PRO A 59 7.34 -27.83 -8.81
CA PRO A 59 6.02 -28.45 -8.53
C PRO A 59 4.99 -27.58 -7.82
N ASN A 60 5.42 -26.66 -6.95
CA ASN A 60 4.45 -25.80 -6.26
C ASN A 60 3.80 -24.82 -7.22
N PHE A 61 4.60 -24.18 -8.09
CA PHE A 61 4.06 -23.23 -9.06
C PHE A 61 3.15 -23.95 -10.07
N VAL A 62 3.58 -25.12 -10.58
CA VAL A 62 2.78 -25.94 -11.52
C VAL A 62 1.42 -26.29 -10.90
N ARG A 63 1.41 -26.82 -9.66
CA ARG A 63 0.18 -27.18 -8.96
C ARG A 63 -0.73 -25.95 -8.76
N THR A 64 -0.18 -24.83 -8.26
CA THR A 64 -0.93 -23.59 -8.04
C THR A 64 -1.46 -23.00 -9.35
N PHE A 65 -0.61 -22.98 -10.39
CA PHE A 65 -1.01 -22.46 -11.70
C PHE A 65 -2.20 -23.23 -12.26
N LEU A 66 -2.12 -24.55 -12.31
CA LEU A 66 -3.17 -25.37 -12.90
C LEU A 66 -4.48 -25.38 -12.10
N THR A 67 -4.42 -25.05 -10.82
CA THR A 67 -5.63 -24.91 -10.01
C THR A 67 -6.31 -23.58 -10.28
N THR A 68 -5.54 -22.52 -10.52
CA THR A 68 -6.06 -21.15 -10.61
C THR A 68 -5.99 -20.42 -11.94
N TYR A 69 -5.41 -21.02 -12.99
CA TYR A 69 -5.23 -20.31 -14.25
C TYR A 69 -6.52 -19.85 -14.95
N ARG A 70 -7.65 -20.54 -14.71
CA ARG A 70 -8.94 -20.20 -15.32
C ARG A 70 -9.44 -18.79 -14.97
N SER A 71 -8.95 -18.20 -13.86
CA SER A 71 -9.28 -16.81 -13.48
C SER A 71 -8.54 -15.76 -14.34
N PHE A 72 -7.56 -16.16 -15.17
CA PHE A 72 -6.81 -15.23 -16.02
C PHE A 72 -6.49 -15.73 -17.43
N CYS A 73 -6.84 -16.96 -17.77
CA CYS A 73 -6.51 -17.56 -19.06
C CYS A 73 -7.50 -18.70 -19.32
N LYS A 74 -8.03 -18.81 -20.52
CA LYS A 74 -8.95 -19.89 -20.85
C LYS A 74 -8.19 -21.19 -21.10
N PRO A 75 -8.82 -22.38 -20.87
CA PRO A 75 -8.15 -23.66 -21.16
C PRO A 75 -7.60 -23.79 -22.59
N GLN A 76 -8.35 -23.35 -23.61
CA GLN A 76 -7.92 -23.39 -25.01
C GLN A 76 -6.67 -22.54 -25.21
N GLU A 77 -6.63 -21.38 -24.55
CA GLU A 77 -5.51 -20.44 -24.65
C GLU A 77 -4.28 -21.03 -23.97
N LEU A 78 -4.44 -21.66 -22.78
CA LEU A 78 -3.33 -22.30 -22.08
C LEU A 78 -2.69 -23.39 -22.95
N LEU A 79 -3.52 -24.27 -23.53
CA LEU A 79 -3.00 -25.33 -24.41
C LEU A 79 -2.25 -24.71 -25.60
N SER A 80 -2.81 -23.66 -26.19
CA SER A 80 -2.14 -22.96 -27.30
C SER A 80 -0.79 -22.40 -26.87
N LEU A 81 -0.75 -21.79 -25.68
CA LEU A 81 0.49 -21.21 -25.16
C LEU A 81 1.58 -22.24 -24.86
N ILE A 82 1.23 -23.39 -24.27
CA ILE A 82 2.24 -24.41 -23.96
C ILE A 82 2.71 -25.11 -25.24
N ILE A 83 1.85 -25.24 -26.27
CA ILE A 83 2.26 -25.82 -27.55
C ILE A 83 3.25 -24.84 -28.24
N GLU A 84 2.98 -23.53 -28.17
CA GLU A 84 3.85 -22.48 -28.75
C GLU A 84 5.21 -22.46 -27.98
N ARG A 85 5.16 -22.62 -26.63
CA ARG A 85 6.34 -22.72 -25.76
C ARG A 85 7.23 -23.88 -26.22
N PHE A 86 6.61 -25.01 -26.53
CA PHE A 86 7.26 -26.23 -26.97
C PHE A 86 7.99 -26.13 -28.31
N GLU A 87 7.44 -25.37 -29.27
CA GLU A 87 8.08 -25.23 -30.58
C GLU A 87 9.16 -24.15 -30.53
N ILE A 88 10.37 -24.56 -30.18
CA ILE A 88 11.51 -23.67 -30.02
C ILE A 88 12.36 -23.63 -31.27
N PRO A 89 12.63 -22.44 -31.85
CA PRO A 89 13.56 -22.39 -33.01
C PRO A 89 14.99 -22.73 -32.59
N GLU A 90 15.74 -23.36 -33.49
CA GLU A 90 17.13 -23.73 -33.25
C GLU A 90 18.03 -22.68 -33.86
N PRO A 91 19.22 -22.41 -33.29
CA PRO A 91 20.11 -21.39 -33.90
C PRO A 91 20.68 -21.83 -35.25
N GLU A 92 21.10 -20.84 -36.07
CA GLU A 92 21.72 -21.16 -37.37
C GLU A 92 23.10 -21.78 -37.13
N PRO A 93 23.61 -22.60 -38.07
CA PRO A 93 24.99 -23.12 -37.90
C PRO A 93 26.04 -22.01 -37.91
N THR A 94 27.18 -22.22 -37.25
CA THR A 94 28.27 -21.21 -37.28
C THR A 94 28.84 -21.14 -38.72
N GLU A 95 29.68 -20.15 -39.02
CA GLU A 95 30.27 -20.01 -40.36
C GLU A 95 31.08 -21.27 -40.75
N ALA A 96 31.93 -21.76 -39.83
CA ALA A 96 32.74 -22.97 -40.06
C ALA A 96 31.84 -24.16 -40.34
N ASP A 97 30.73 -24.27 -39.59
CA ASP A 97 29.79 -25.37 -39.77
C ASP A 97 28.98 -25.28 -41.05
N ARG A 98 28.72 -24.06 -41.54
CA ARG A 98 28.04 -23.83 -42.82
C ARG A 98 28.94 -24.36 -43.95
N ILE A 99 30.25 -24.10 -43.84
CA ILE A 99 31.23 -24.57 -44.81
C ILE A 99 31.29 -26.09 -44.74
N ALA A 100 31.29 -26.67 -43.51
CA ALA A 100 31.31 -28.13 -43.36
C ALA A 100 30.09 -28.77 -44.05
N ILE A 101 28.88 -28.24 -43.78
CA ILE A 101 27.61 -28.73 -44.35
C ILE A 101 27.67 -28.61 -45.89
N GLU A 102 28.14 -27.46 -46.38
CA GLU A 102 28.28 -27.15 -47.82
C GLU A 102 29.21 -28.16 -48.52
N ASN A 103 30.17 -28.76 -47.80
CA ASN A 103 31.07 -29.75 -48.37
C ASN A 103 30.60 -31.20 -48.19
N GLY A 104 29.37 -31.38 -47.71
CA GLY A 104 28.79 -32.70 -47.44
C GLY A 104 29.29 -33.34 -46.15
N ASP A 105 30.00 -32.59 -45.29
CA ASP A 105 30.54 -33.13 -44.03
C ASP A 105 29.66 -32.87 -42.82
N GLN A 106 29.91 -33.61 -41.71
CA GLN A 106 29.14 -33.44 -40.48
C GLN A 106 29.60 -32.17 -39.75
N PRO A 107 28.68 -31.20 -39.47
CA PRO A 107 29.12 -30.01 -38.71
C PRO A 107 29.47 -30.36 -37.26
N LEU A 108 30.26 -29.51 -36.59
CA LEU A 108 30.61 -29.74 -35.19
C LEU A 108 29.34 -29.47 -34.34
N SER A 109 28.61 -28.36 -34.64
CA SER A 109 27.35 -27.99 -33.99
C SER A 109 27.46 -27.90 -32.47
N ALA A 110 28.58 -27.37 -31.97
CA ALA A 110 28.86 -27.32 -30.54
C ALA A 110 27.79 -26.54 -29.74
N GLU A 111 27.48 -25.31 -30.14
CA GLU A 111 26.47 -24.49 -29.47
C GLU A 111 25.07 -25.04 -29.72
N LEU A 112 24.79 -25.49 -30.96
CA LEU A 112 23.49 -26.06 -31.33
C LEU A 112 23.17 -27.25 -30.40
N LYS A 113 24.15 -28.13 -30.15
CA LYS A 113 23.99 -29.29 -29.26
C LYS A 113 23.81 -28.88 -27.81
N ARG A 114 24.54 -27.84 -27.37
CA ARG A 114 24.44 -27.30 -26.01
C ARG A 114 23.02 -26.72 -25.82
N PHE A 115 22.55 -25.89 -26.78
CA PHE A 115 21.21 -25.30 -26.78
C PHE A 115 20.10 -26.37 -26.75
N ARG A 116 20.29 -27.49 -27.48
CA ARG A 116 19.29 -28.57 -27.45
C ARG A 116 19.19 -29.23 -26.08
N LYS A 117 20.33 -29.57 -25.51
CA LYS A 117 20.44 -30.27 -24.23
C LYS A 117 20.15 -29.39 -23.01
N GLU A 118 20.56 -28.13 -23.05
CA GLU A 118 20.40 -27.24 -21.90
C GLU A 118 19.15 -26.37 -21.92
N TYR A 119 18.49 -26.21 -23.07
CA TYR A 119 17.28 -25.40 -23.15
C TYR A 119 16.10 -26.11 -23.81
N ILE A 120 16.26 -26.60 -25.05
CA ILE A 120 15.13 -27.22 -25.77
C ILE A 120 14.58 -28.43 -25.05
N GLN A 121 15.44 -29.44 -24.84
CA GLN A 121 15.02 -30.69 -24.21
C GLN A 121 14.40 -30.45 -22.82
N PRO A 122 15.02 -29.67 -21.90
CA PRO A 122 14.33 -29.37 -20.62
C PRO A 122 13.00 -28.62 -20.75
N VAL A 123 12.88 -27.59 -21.62
CA VAL A 123 11.60 -26.88 -21.75
C VAL A 123 10.52 -27.82 -22.28
N GLN A 124 10.85 -28.60 -23.30
CA GLN A 124 9.92 -29.54 -23.90
C GLN A 124 9.41 -30.58 -22.88
N LEU A 125 10.30 -31.11 -22.02
CA LEU A 125 9.90 -32.04 -20.96
C LEU A 125 9.06 -31.30 -19.91
N ARG A 126 9.40 -30.02 -19.66
CA ARG A 126 8.65 -29.17 -18.73
C ARG A 126 7.21 -28.97 -19.24
N VAL A 127 7.03 -28.83 -20.58
CA VAL A 127 5.69 -28.69 -21.21
C VAL A 127 4.91 -30.00 -21.04
N LEU A 128 5.55 -31.16 -21.33
CA LEU A 128 4.89 -32.47 -21.15
C LEU A 128 4.53 -32.71 -19.69
N ASN A 129 5.34 -32.21 -18.76
CA ASN A 129 5.05 -32.33 -17.32
C ASN A 129 3.77 -31.55 -16.96
N VAL A 130 3.56 -30.35 -17.57
CA VAL A 130 2.35 -29.53 -17.40
C VAL A 130 1.16 -30.33 -17.96
N CYS A 131 1.30 -30.90 -19.18
CA CYS A 131 0.26 -31.74 -19.80
C CYS A 131 -0.12 -32.88 -18.87
N ARG A 132 0.88 -33.55 -18.28
CA ARG A 132 0.65 -34.68 -17.37
C ARG A 132 -0.10 -34.27 -16.11
N HIS A 133 0.35 -33.19 -15.44
CA HIS A 133 -0.32 -32.66 -14.24
C HIS A 133 -1.74 -32.17 -14.60
N TRP A 134 -1.91 -31.58 -15.79
CA TRP A 134 -3.21 -31.09 -16.28
C TRP A 134 -4.23 -32.24 -16.44
N VAL A 135 -3.84 -33.34 -17.10
CA VAL A 135 -4.74 -34.50 -17.29
C VAL A 135 -4.98 -35.24 -15.97
N GLU A 136 -3.98 -35.28 -15.08
CA GLU A 136 -4.07 -36.00 -13.82
C GLU A 136 -4.99 -35.34 -12.83
N HIS A 137 -4.78 -34.05 -12.56
CA HIS A 137 -5.50 -33.34 -11.51
C HIS A 137 -6.64 -32.47 -11.95
N HIS A 138 -6.77 -32.18 -13.26
CA HIS A 138 -7.83 -31.31 -13.76
C HIS A 138 -8.45 -31.86 -15.03
N PHE A 139 -8.73 -33.17 -15.05
CA PHE A 139 -9.33 -33.80 -16.24
C PHE A 139 -10.68 -33.22 -16.64
N TYR A 140 -11.40 -32.61 -15.68
CA TYR A 140 -12.69 -31.97 -15.98
C TYR A 140 -12.60 -30.93 -17.11
N ASP A 141 -11.45 -30.26 -17.30
CA ASP A 141 -11.31 -29.32 -18.42
C ASP A 141 -11.54 -30.04 -19.76
N PHE A 142 -11.06 -31.29 -19.86
CA PHE A 142 -11.18 -32.12 -21.05
C PHE A 142 -12.56 -32.75 -21.19
N GLU A 143 -13.24 -33.06 -20.06
CA GLU A 143 -14.61 -33.60 -20.09
C GLU A 143 -15.57 -32.50 -20.55
N ARG A 144 -15.32 -31.25 -20.12
CA ARG A 144 -16.13 -30.09 -20.47
C ARG A 144 -15.90 -29.55 -21.88
N ASP A 145 -14.79 -29.93 -22.52
CA ASP A 145 -14.44 -29.45 -23.85
C ASP A 145 -13.77 -30.59 -24.60
N ALA A 146 -14.56 -31.35 -25.36
CA ALA A 146 -14.07 -32.50 -26.13
C ALA A 146 -13.01 -32.08 -27.16
N TYR A 147 -13.15 -30.88 -27.73
CA TYR A 147 -12.20 -30.29 -28.68
C TYR A 147 -10.85 -29.97 -28.02
N LEU A 148 -10.84 -29.58 -26.72
CA LEU A 148 -9.60 -29.35 -25.98
C LEU A 148 -8.82 -30.67 -25.87
N LEU A 149 -9.53 -31.78 -25.59
CA LEU A 149 -8.92 -33.10 -25.50
C LEU A 149 -8.39 -33.55 -26.86
N GLN A 150 -9.17 -33.29 -27.95
CA GLN A 150 -8.75 -33.63 -29.32
C GLN A 150 -7.41 -32.96 -29.63
N ARG A 151 -7.28 -31.66 -29.28
CA ARG A 151 -6.06 -30.89 -29.49
C ARG A 151 -4.89 -31.46 -28.68
N MET A 152 -5.15 -31.80 -27.40
CA MET A 152 -4.16 -32.35 -26.49
C MET A 152 -3.65 -33.70 -27.02
N GLU A 153 -4.55 -34.57 -27.47
CA GLU A 153 -4.15 -35.88 -27.99
C GLU A 153 -3.39 -35.78 -29.31
N GLU A 154 -3.76 -34.81 -30.16
CA GLU A 154 -3.05 -34.57 -31.43
C GLU A 154 -1.62 -34.09 -31.11
N PHE A 155 -1.50 -33.17 -30.14
CA PHE A 155 -0.20 -32.64 -29.71
C PHE A 155 0.71 -33.74 -29.16
N ILE A 156 0.25 -34.42 -28.12
CA ILE A 156 0.94 -35.53 -27.45
C ILE A 156 1.27 -36.68 -28.43
N GLY A 157 0.35 -36.97 -29.35
CA GLY A 157 0.50 -38.03 -30.34
C GLY A 157 1.50 -37.74 -31.46
N THR A 158 1.88 -36.47 -31.67
CA THR A 158 2.85 -36.10 -32.71
C THR A 158 4.22 -35.71 -32.14
N VAL A 159 4.45 -35.88 -30.83
CA VAL A 159 5.76 -35.61 -30.24
C VAL A 159 6.71 -36.74 -30.70
N ARG A 160 7.96 -36.41 -31.04
CA ARG A 160 8.95 -37.39 -31.54
C ARG A 160 10.18 -37.48 -30.62
N GLY A 161 10.85 -38.62 -30.63
CA GLY A 161 12.02 -38.89 -29.80
C GLY A 161 11.74 -39.97 -28.77
N LYS A 162 12.77 -40.73 -28.37
CA LYS A 162 12.62 -41.86 -27.42
C LYS A 162 12.40 -41.44 -25.97
N ALA A 163 13.15 -40.43 -25.48
CA ALA A 163 12.98 -39.93 -24.11
C ALA A 163 11.60 -39.28 -23.93
N MET A 164 11.05 -38.71 -25.02
CA MET A 164 9.75 -38.04 -25.02
C MET A 164 8.61 -39.05 -25.13
N LYS A 165 8.78 -40.12 -25.95
CA LYS A 165 7.70 -41.12 -26.13
C LYS A 165 7.27 -41.77 -24.80
N LYS A 166 8.20 -41.88 -23.83
CA LYS A 166 7.89 -42.44 -22.51
C LYS A 166 6.94 -41.51 -21.74
N TRP A 167 7.19 -40.18 -21.81
CA TRP A 167 6.33 -39.17 -21.19
C TRP A 167 4.96 -39.20 -21.85
N VAL A 168 4.95 -39.29 -23.19
CA VAL A 168 3.72 -39.35 -23.99
C VAL A 168 2.88 -40.54 -23.53
N GLU A 169 3.51 -41.71 -23.29
CA GLU A 169 2.80 -42.91 -22.84
C GLU A 169 2.15 -42.71 -21.48
N SER A 170 2.89 -42.14 -20.50
CA SER A 170 2.33 -41.89 -19.16
C SER A 170 1.18 -40.86 -19.21
N ILE A 171 1.25 -39.85 -20.11
CA ILE A 171 0.15 -38.88 -20.26
C ILE A 171 -1.05 -39.62 -20.89
N THR A 172 -0.82 -40.41 -21.93
CA THR A 172 -1.89 -41.21 -22.59
C THR A 172 -2.54 -42.16 -21.59
N LYS A 173 -1.72 -42.83 -20.74
CA LYS A 173 -2.20 -43.77 -19.73
C LYS A 173 -3.19 -43.09 -18.76
N ILE A 174 -2.88 -41.86 -18.32
CA ILE A 174 -3.77 -41.11 -17.45
C ILE A 174 -5.07 -40.76 -18.19
N ILE A 175 -4.99 -40.25 -19.43
CA ILE A 175 -6.16 -39.88 -20.24
C ILE A 175 -7.12 -41.06 -20.39
N GLN A 176 -6.59 -42.24 -20.76
CA GLN A 176 -7.40 -43.43 -20.95
C GLN A 176 -8.01 -43.91 -19.62
N ARG A 177 -7.25 -43.83 -18.52
CA ARG A 177 -7.74 -44.18 -17.18
C ARG A 177 -8.89 -43.23 -16.78
N LYS A 178 -8.76 -41.92 -17.09
CA LYS A 178 -9.80 -40.93 -16.78
C LYS A 178 -11.08 -41.19 -17.59
N LYS A 179 -10.95 -41.61 -18.86
CA LYS A 179 -12.11 -41.92 -19.71
C LYS A 179 -12.83 -43.18 -19.21
N ILE A 180 -12.07 -44.23 -18.87
CA ILE A 180 -12.61 -45.49 -18.35
C ILE A 180 -13.31 -45.27 -17.02
N ALA A 181 -12.78 -44.36 -16.18
CA ALA A 181 -13.35 -44.05 -14.87
C ALA A 181 -14.75 -43.45 -14.93
N ARG A 182 -15.10 -42.74 -16.01
CA ARG A 182 -16.42 -42.11 -16.12
C ARG A 182 -17.53 -43.04 -16.62
N ASP A 183 -17.18 -44.07 -17.42
CA ASP A 183 -18.15 -45.05 -17.93
C ASP A 183 -17.84 -46.41 -17.33
N THR A 191 -14.22 -52.33 1.81
CA THR A 191 -13.82 -50.95 1.97
C THR A 191 -13.84 -50.52 3.46
N PHE A 192 -14.92 -50.83 4.21
CA PHE A 192 -15.04 -50.48 5.62
C PHE A 192 -14.23 -51.48 6.44
N GLN A 193 -13.36 -51.01 7.36
CA GLN A 193 -12.54 -51.90 8.19
C GLN A 193 -13.41 -52.61 9.23
N SER A 194 -14.23 -51.84 9.95
CA SER A 194 -15.15 -52.37 10.97
C SER A 194 -16.56 -52.43 10.37
N SER A 195 -17.47 -53.14 11.06
CA SER A 195 -18.87 -53.22 10.61
C SER A 195 -19.58 -51.92 11.01
N PRO A 196 -20.43 -51.33 10.13
CA PRO A 196 -21.14 -50.09 10.52
C PRO A 196 -22.26 -50.38 11.53
N PRO A 197 -22.67 -49.37 12.34
CA PRO A 197 -23.76 -49.61 13.30
C PRO A 197 -25.11 -49.86 12.64
N THR A 198 -26.02 -50.52 13.37
CA THR A 198 -27.35 -50.85 12.87
C THR A 198 -28.13 -49.56 12.52
N VAL A 199 -28.85 -49.58 11.38
CA VAL A 199 -29.66 -48.44 10.96
C VAL A 199 -30.80 -48.27 11.98
N GLU A 200 -30.97 -47.05 12.52
CA GLU A 200 -31.99 -46.75 13.51
C GLU A 200 -33.29 -46.33 12.86
N TRP A 201 -34.41 -46.87 13.37
CA TRP A 201 -35.78 -46.55 12.91
C TRP A 201 -36.59 -46.09 14.13
N HIS A 202 -37.60 -45.25 13.92
CA HIS A 202 -38.42 -44.71 15.00
C HIS A 202 -39.91 -44.96 14.70
N ILE A 203 -40.64 -44.01 14.08
CA ILE A 203 -42.05 -44.25 13.77
C ILE A 203 -42.15 -44.81 12.34
N SER A 204 -41.59 -44.09 11.35
CA SER A 204 -41.59 -44.51 9.94
C SER A 204 -40.90 -45.87 9.80
N ARG A 205 -41.49 -46.77 9.00
CA ARG A 205 -40.93 -48.10 8.78
C ARG A 205 -40.07 -48.11 7.52
N PRO A 206 -39.04 -48.99 7.42
CA PRO A 206 -38.27 -49.06 6.15
C PRO A 206 -39.18 -49.26 4.93
N GLY A 207 -38.93 -48.51 3.86
CA GLY A 207 -39.74 -48.57 2.65
C GLY A 207 -40.97 -47.67 2.66
N HIS A 208 -41.52 -47.32 3.85
CA HIS A 208 -42.70 -46.43 3.97
C HIS A 208 -42.22 -44.98 3.85
N ILE A 209 -41.75 -44.62 2.64
CA ILE A 209 -41.17 -43.31 2.32
C ILE A 209 -42.17 -42.16 2.39
N GLU A 210 -43.46 -42.48 2.30
CA GLU A 210 -44.54 -41.51 2.33
C GLU A 210 -44.67 -40.84 3.70
N THR A 211 -44.26 -41.53 4.76
CA THR A 211 -44.36 -41.04 6.13
C THR A 211 -43.05 -40.39 6.66
N PHE A 212 -41.99 -40.38 5.84
CA PHE A 212 -40.70 -39.83 6.26
C PHE A 212 -40.84 -38.35 6.58
N ASP A 213 -40.36 -37.94 7.74
CA ASP A 213 -40.40 -36.55 8.16
C ASP A 213 -39.42 -36.34 9.30
N LEU A 214 -39.29 -35.10 9.76
CA LEU A 214 -38.37 -34.73 10.82
C LEU A 214 -38.62 -35.51 12.10
N LEU A 215 -39.88 -35.64 12.53
CA LEU A 215 -40.19 -36.30 13.79
C LEU A 215 -40.46 -37.81 13.68
N THR A 216 -40.71 -38.34 12.47
CA THR A 216 -41.03 -39.76 12.29
C THR A 216 -39.79 -40.62 12.07
N LEU A 217 -38.75 -40.06 11.41
CA LEU A 217 -37.48 -40.74 11.25
C LEU A 217 -36.72 -40.69 12.59
N HIS A 218 -35.77 -41.60 12.82
CA HIS A 218 -34.99 -41.59 14.06
C HIS A 218 -33.96 -40.45 13.99
N PRO A 219 -33.82 -39.59 15.04
CA PRO A 219 -32.83 -38.49 14.95
C PRO A 219 -31.39 -38.95 14.74
N ILE A 220 -31.02 -40.13 15.26
CA ILE A 220 -29.69 -40.69 15.06
C ILE A 220 -29.49 -40.92 13.56
N GLU A 221 -30.47 -41.56 12.93
CA GLU A 221 -30.40 -41.87 11.50
C GLU A 221 -30.43 -40.63 10.61
N ILE A 222 -31.20 -39.60 10.99
CA ILE A 222 -31.24 -38.33 10.25
C ILE A 222 -29.82 -37.76 10.22
N ALA A 223 -29.18 -37.66 11.39
CA ALA A 223 -27.83 -37.14 11.51
C ALA A 223 -26.78 -37.99 10.77
N ARG A 224 -26.89 -39.33 10.84
CA ARG A 224 -25.96 -40.25 10.15
C ARG A 224 -26.08 -40.12 8.64
N GLN A 225 -27.31 -40.13 8.12
CA GLN A 225 -27.54 -40.02 6.66
C GLN A 225 -27.20 -38.63 6.13
N LEU A 226 -27.47 -37.57 6.90
CA LEU A 226 -27.08 -36.21 6.50
C LEU A 226 -25.53 -36.09 6.50
N THR A 227 -24.83 -36.76 7.45
CA THR A 227 -23.35 -36.73 7.51
C THR A 227 -22.76 -37.46 6.32
N LEU A 228 -23.35 -38.60 5.89
CA LEU A 228 -22.89 -39.33 4.70
C LEU A 228 -23.05 -38.43 3.48
N LEU A 229 -24.24 -37.84 3.33
CA LEU A 229 -24.59 -36.95 2.21
C LEU A 229 -23.62 -35.76 2.16
N GLU A 230 -23.42 -35.09 3.30
CA GLU A 230 -22.52 -33.93 3.37
C GLU A 230 -21.06 -34.33 3.23
N SER A 231 -20.67 -35.51 3.74
CA SER A 231 -19.31 -35.98 3.56
C SER A 231 -19.05 -36.11 2.05
N ASP A 232 -19.97 -36.76 1.30
CA ASP A 232 -19.83 -36.92 -0.15
C ASP A 232 -19.83 -35.58 -0.89
N LEU A 233 -20.67 -34.62 -0.46
CA LEU A 233 -20.70 -33.32 -1.13
C LEU A 233 -19.39 -32.56 -0.88
N TYR A 234 -18.86 -32.64 0.35
CA TYR A 234 -17.60 -31.99 0.72
C TYR A 234 -16.41 -32.58 -0.08
N ARG A 235 -16.39 -33.91 -0.26
CA ARG A 235 -15.32 -34.62 -0.96
C ARG A 235 -15.32 -34.36 -2.48
N ALA A 236 -16.50 -34.10 -3.04
CA ALA A 236 -16.64 -33.84 -4.48
C ALA A 236 -16.18 -32.46 -4.93
N VAL A 237 -15.97 -31.48 -4.01
CA VAL A 237 -15.59 -30.11 -4.40
C VAL A 237 -14.15 -30.07 -4.90
N GLN A 238 -13.92 -29.55 -6.12
CA GLN A 238 -12.57 -29.42 -6.67
C GLN A 238 -12.07 -27.99 -6.44
N PRO A 239 -10.77 -27.79 -6.12
CA PRO A 239 -10.26 -26.43 -5.88
C PRO A 239 -10.61 -25.34 -6.91
N SER A 240 -10.59 -25.64 -8.21
CA SER A 240 -10.86 -24.64 -9.27
C SER A 240 -12.31 -24.12 -9.27
N GLU A 241 -13.24 -24.88 -8.69
CA GLU A 241 -14.63 -24.43 -8.58
C GLU A 241 -14.72 -23.21 -7.65
N LEU A 242 -13.74 -23.06 -6.74
CA LEU A 242 -13.65 -21.97 -5.77
C LEU A 242 -12.77 -20.78 -6.18
N VAL A 243 -12.00 -20.86 -7.27
CA VAL A 243 -11.12 -19.76 -7.70
C VAL A 243 -11.86 -18.69 -8.50
N GLY A 244 -11.51 -17.41 -8.30
CA GLY A 244 -12.06 -16.28 -9.05
C GLY A 244 -13.56 -16.05 -8.92
N SER A 245 -14.22 -16.55 -7.84
CA SER A 245 -15.67 -16.43 -7.59
C SER A 245 -16.51 -16.95 -8.76
N VAL A 246 -16.00 -17.94 -9.50
CA VAL A 246 -16.69 -18.46 -10.69
C VAL A 246 -18.05 -19.08 -10.41
N TRP A 247 -18.31 -19.53 -9.18
CA TRP A 247 -19.60 -20.10 -8.81
C TRP A 247 -20.69 -19.01 -8.72
N THR A 248 -20.28 -17.72 -8.60
CA THR A 248 -21.22 -16.59 -8.58
C THR A 248 -21.31 -15.91 -9.97
N LYS A 249 -20.71 -16.51 -11.03
CA LYS A 249 -20.65 -15.90 -12.36
C LYS A 249 -21.41 -16.66 -13.44
N GLU A 250 -21.48 -16.09 -14.66
CA GLU A 250 -22.28 -16.63 -15.77
C GLU A 250 -22.24 -18.16 -15.95
N ASP A 251 -21.03 -18.74 -16.17
CA ASP A 251 -20.92 -20.19 -16.41
C ASP A 251 -20.80 -21.02 -15.11
N LYS A 252 -21.43 -20.55 -14.02
CA LYS A 252 -21.37 -21.20 -12.70
C LYS A 252 -21.77 -22.67 -12.70
N GLU A 253 -22.81 -23.06 -13.45
CA GLU A 253 -23.29 -24.45 -13.47
C GLU A 253 -22.26 -25.43 -14.06
N ILE A 254 -21.52 -24.99 -15.08
CA ILE A 254 -20.50 -25.83 -15.70
C ILE A 254 -19.19 -25.81 -14.90
N ASN A 255 -18.81 -24.64 -14.35
CA ASN A 255 -17.54 -24.48 -13.65
C ASN A 255 -17.52 -24.83 -12.18
N SER A 256 -18.66 -24.79 -11.51
CA SER A 256 -18.75 -25.07 -10.09
C SER A 256 -19.94 -25.97 -9.79
N PRO A 257 -20.10 -27.11 -10.49
CA PRO A 257 -21.27 -27.97 -10.23
C PRO A 257 -21.32 -28.59 -8.84
N ASN A 258 -20.17 -28.99 -8.30
CA ASN A 258 -20.12 -29.62 -6.98
C ASN A 258 -20.22 -28.62 -5.85
N LEU A 259 -19.55 -27.47 -5.98
CA LEU A 259 -19.65 -26.39 -5.01
C LEU A 259 -21.12 -25.91 -4.92
N LEU A 260 -21.79 -25.72 -6.07
CA LEU A 260 -23.19 -25.28 -6.09
C LEU A 260 -24.12 -26.29 -5.43
N LYS A 261 -23.86 -27.59 -5.59
CA LYS A 261 -24.64 -28.64 -4.93
C LYS A 261 -24.47 -28.56 -3.41
N MET A 262 -23.23 -28.27 -2.95
CA MET A 262 -22.89 -28.16 -1.52
C MET A 262 -23.68 -26.99 -0.90
N ILE A 263 -23.65 -25.83 -1.56
CA ILE A 263 -24.35 -24.62 -1.12
C ILE A 263 -25.86 -24.82 -1.15
N ARG A 264 -26.37 -25.43 -2.23
CA ARG A 264 -27.81 -25.68 -2.34
C ARG A 264 -28.32 -26.64 -1.29
N HIS A 265 -27.53 -27.65 -0.91
CA HIS A 265 -27.92 -28.57 0.15
C HIS A 265 -28.04 -27.80 1.48
N THR A 266 -27.06 -26.93 1.80
CA THR A 266 -27.09 -26.22 3.08
C THR A 266 -28.24 -25.23 3.13
N THR A 267 -28.53 -24.54 2.02
CA THR A 267 -29.70 -23.66 1.96
C THR A 267 -30.95 -24.49 2.20
N ASN A 268 -31.14 -25.56 1.43
CA ASN A 268 -32.34 -26.39 1.55
C ASN A 268 -32.51 -27.03 2.90
N LEU A 269 -31.45 -27.61 3.47
CA LEU A 269 -31.56 -28.23 4.78
C LEU A 269 -31.87 -27.19 5.87
N THR A 270 -31.15 -26.06 5.84
CA THR A 270 -31.33 -24.97 6.82
C THR A 270 -32.74 -24.42 6.78
N LEU A 271 -33.22 -24.12 5.57
CA LEU A 271 -34.58 -23.60 5.37
C LEU A 271 -35.63 -24.63 5.69
N TRP A 272 -35.35 -25.93 5.47
CA TRP A 272 -36.30 -26.98 5.81
C TRP A 272 -36.44 -27.05 7.34
N PHE A 273 -35.32 -26.92 8.10
CA PHE A 273 -35.38 -26.89 9.57
C PHE A 273 -36.28 -25.73 9.99
N GLU A 274 -36.07 -24.55 9.38
CA GLU A 274 -36.85 -23.35 9.69
C GLU A 274 -38.33 -23.56 9.42
N LYS A 275 -38.64 -24.16 8.27
CA LYS A 275 -39.99 -24.51 7.83
C LYS A 275 -40.62 -25.49 8.83
N CYS A 276 -39.88 -26.54 9.24
CA CYS A 276 -40.38 -27.51 10.23
C CYS A 276 -40.80 -26.82 11.48
N ILE A 277 -40.00 -25.84 11.92
CA ILE A 277 -40.26 -25.09 13.14
C ILE A 277 -41.45 -24.14 13.01
N VAL A 278 -41.36 -23.13 12.14
CA VAL A 278 -42.43 -22.11 12.08
C VAL A 278 -43.78 -22.63 11.53
N GLU A 279 -43.81 -23.73 10.75
CA GLU A 279 -45.07 -24.26 10.26
C GLU A 279 -45.76 -25.15 11.30
N THR A 280 -45.08 -25.44 12.44
CA THR A 280 -45.64 -26.14 13.60
C THR A 280 -46.22 -25.01 14.47
N GLU A 281 -47.48 -24.69 14.25
CA GLU A 281 -48.13 -23.57 14.89
C GLU A 281 -48.46 -23.82 16.36
N ASN A 282 -48.72 -25.09 16.75
CA ASN A 282 -48.97 -25.42 18.15
C ASN A 282 -47.63 -25.30 18.91
N LEU A 283 -47.63 -24.54 20.02
CA LEU A 283 -46.43 -24.29 20.82
C LEU A 283 -45.72 -25.56 21.32
N GLU A 284 -46.44 -26.46 22.02
CA GLU A 284 -45.87 -27.72 22.54
C GLU A 284 -45.31 -28.59 21.42
N GLU A 285 -45.98 -28.64 20.27
CA GLU A 285 -45.46 -29.40 19.13
C GLU A 285 -44.18 -28.76 18.60
N ARG A 286 -44.13 -27.41 18.53
CA ARG A 286 -42.97 -26.68 18.02
C ARG A 286 -41.75 -26.88 18.93
N VAL A 287 -41.96 -26.95 20.27
CA VAL A 287 -40.91 -27.24 21.26
C VAL A 287 -40.31 -28.65 20.95
N ALA A 288 -41.17 -29.66 20.66
CA ALA A 288 -40.71 -31.00 20.29
C ALA A 288 -39.86 -30.98 19.02
N VAL A 289 -40.29 -30.19 18.01
CA VAL A 289 -39.56 -30.04 16.74
C VAL A 289 -38.17 -29.42 17.00
N VAL A 290 -38.12 -28.31 17.73
CA VAL A 290 -36.87 -27.60 18.08
C VAL A 290 -35.96 -28.52 18.88
N SER A 291 -36.54 -29.20 19.89
CA SER A 291 -35.78 -30.14 20.71
C SER A 291 -35.18 -31.31 19.87
N ARG A 292 -35.92 -31.79 18.88
CA ARG A 292 -35.47 -32.87 17.98
C ARG A 292 -34.30 -32.42 17.11
N ILE A 293 -34.36 -31.17 16.60
CA ILE A 293 -33.29 -30.61 15.76
C ILE A 293 -32.02 -30.45 16.61
N ILE A 294 -32.17 -30.08 17.89
CA ILE A 294 -31.02 -29.98 18.79
C ILE A 294 -30.38 -31.39 18.98
N GLU A 295 -31.21 -32.43 19.17
CA GLU A 295 -30.73 -33.82 19.27
C GLU A 295 -30.01 -34.21 17.97
N ILE A 296 -30.53 -33.80 16.79
CA ILE A 296 -29.85 -34.04 15.51
C ILE A 296 -28.47 -33.39 15.56
N LEU A 297 -28.41 -32.13 16.03
CA LEU A 297 -27.14 -31.42 16.20
C LEU A 297 -26.19 -32.22 17.12
N GLN A 298 -26.71 -32.77 18.24
CA GLN A 298 -25.85 -33.56 19.16
C GLN A 298 -25.22 -34.76 18.47
N VAL A 299 -25.95 -35.42 17.58
CA VAL A 299 -25.39 -36.56 16.87
C VAL A 299 -24.39 -36.08 15.80
N PHE A 300 -24.59 -34.89 15.21
CA PHE A 300 -23.60 -34.35 14.27
C PHE A 300 -22.28 -34.09 15.04
N GLN A 301 -22.37 -33.63 16.30
CA GLN A 301 -21.20 -33.38 17.16
C GLN A 301 -20.46 -34.69 17.44
N GLU A 302 -21.21 -35.76 17.77
CA GLU A 302 -20.62 -37.08 17.99
C GLU A 302 -19.90 -37.58 16.74
N LEU A 303 -20.43 -37.23 15.55
CA LEU A 303 -19.82 -37.64 14.27
C LEU A 303 -18.78 -36.65 13.75
N ASN A 304 -18.50 -35.54 14.46
CA ASN A 304 -17.58 -34.50 14.01
C ASN A 304 -18.04 -33.90 12.68
N ASN A 305 -19.38 -33.84 12.46
CA ASN A 305 -19.94 -33.21 11.29
C ASN A 305 -20.15 -31.73 11.71
N PHE A 306 -19.09 -30.93 11.65
CA PHE A 306 -19.16 -29.50 12.02
C PHE A 306 -20.06 -28.72 11.09
N ASN A 307 -20.08 -29.13 9.81
CA ASN A 307 -20.95 -28.54 8.80
C ASN A 307 -22.42 -28.62 9.24
N GLY A 308 -22.85 -29.82 9.63
CA GLY A 308 -24.20 -30.10 10.10
C GLY A 308 -24.53 -29.35 11.38
N VAL A 309 -23.56 -29.28 12.29
CA VAL A 309 -23.71 -28.55 13.54
C VAL A 309 -24.00 -27.08 13.20
N LEU A 310 -23.20 -26.49 12.31
CA LEU A 310 -23.37 -25.06 11.98
C LEU A 310 -24.58 -24.79 11.08
N GLU A 311 -25.11 -25.81 10.39
CA GLU A 311 -26.38 -25.67 9.66
C GLU A 311 -27.52 -25.52 10.65
N VAL A 312 -27.49 -26.34 11.71
CA VAL A 312 -28.51 -26.29 12.76
C VAL A 312 -28.41 -24.93 13.48
N VAL A 313 -27.17 -24.51 13.84
CA VAL A 313 -26.91 -23.19 14.49
C VAL A 313 -27.50 -22.08 13.60
N SER A 314 -27.24 -22.17 12.28
CA SER A 314 -27.77 -21.19 11.31
C SER A 314 -29.31 -21.16 11.29
N ALA A 315 -29.98 -22.32 11.33
CA ALA A 315 -31.46 -22.35 11.37
C ALA A 315 -32.00 -21.79 12.70
N MET A 316 -31.33 -22.06 13.83
CA MET A 316 -31.77 -21.58 15.14
C MET A 316 -31.54 -20.08 15.28
N ASN A 317 -30.48 -19.56 14.62
CA ASN A 317 -30.16 -18.12 14.64
C ASN A 317 -30.92 -17.26 13.61
N SER A 318 -31.60 -17.91 12.63
CA SER A 318 -32.32 -17.22 11.56
C SER A 318 -33.41 -16.26 12.07
N SER A 319 -33.82 -15.28 11.25
CA SER A 319 -34.82 -14.28 11.67
C SER A 319 -36.14 -14.90 12.17
N PRO A 320 -36.71 -15.91 11.49
CA PRO A 320 -37.97 -16.50 11.96
C PRO A 320 -37.90 -17.35 13.21
N VAL A 321 -36.76 -17.99 13.45
CA VAL A 321 -36.63 -18.92 14.57
C VAL A 321 -36.07 -18.26 15.83
N TYR A 322 -34.97 -17.51 15.71
CA TYR A 322 -34.29 -16.89 16.85
C TYR A 322 -35.24 -16.05 17.74
N ARG A 323 -36.26 -15.44 17.12
CA ARG A 323 -37.21 -14.59 17.83
C ARG A 323 -38.31 -15.34 18.61
N LEU A 324 -38.34 -16.69 18.55
CA LEU A 324 -39.40 -17.47 19.19
C LEU A 324 -39.18 -17.72 20.68
N ASP A 325 -39.29 -16.65 21.45
CA ASP A 325 -39.06 -16.65 22.91
C ASP A 325 -39.86 -17.69 23.70
N HIS A 326 -41.14 -17.88 23.36
CA HIS A 326 -41.99 -18.84 24.07
C HIS A 326 -41.57 -20.27 23.82
N THR A 327 -40.99 -20.54 22.63
CA THR A 327 -40.54 -21.89 22.28
C THR A 327 -39.27 -22.19 23.04
N PHE A 328 -38.27 -21.33 22.88
CA PHE A 328 -36.97 -21.47 23.55
C PHE A 328 -37.11 -21.46 25.09
N GLU A 329 -38.14 -20.78 25.63
CA GLU A 329 -38.40 -20.81 27.08
C GLU A 329 -38.69 -22.24 27.60
N GLN A 330 -39.32 -23.11 26.76
CA GLN A 330 -39.63 -24.50 27.16
C GLN A 330 -38.56 -25.50 26.77
N ILE A 331 -37.56 -25.06 26.03
CA ILE A 331 -36.41 -25.94 25.69
C ILE A 331 -35.60 -26.11 26.98
N PRO A 332 -35.26 -27.37 27.46
CA PRO A 332 -34.45 -27.51 28.68
C PRO A 332 -33.13 -26.77 28.65
N SER A 333 -32.66 -26.29 29.82
CA SER A 333 -31.39 -25.54 29.90
C SER A 333 -30.21 -26.27 29.31
N ARG A 334 -30.18 -27.60 29.49
CA ARG A 334 -29.12 -28.49 28.97
C ARG A 334 -28.97 -28.36 27.44
N GLN A 335 -30.12 -28.25 26.73
CA GLN A 335 -30.21 -28.14 25.27
C GLN A 335 -29.86 -26.73 24.81
N LYS A 336 -30.31 -25.73 25.58
CA LYS A 336 -29.99 -24.31 25.34
C LYS A 336 -28.46 -24.13 25.48
N LYS A 337 -27.85 -24.79 26.48
CA LYS A 337 -26.39 -24.77 26.72
C LYS A 337 -25.64 -25.41 25.52
N ILE A 338 -26.18 -26.53 25.01
CA ILE A 338 -25.57 -27.19 23.84
C ILE A 338 -25.60 -26.22 22.66
N LEU A 339 -26.77 -25.58 22.43
CA LEU A 339 -26.92 -24.61 21.35
C LEU A 339 -25.97 -23.42 21.50
N GLU A 340 -25.89 -22.85 22.72
CA GLU A 340 -24.98 -21.73 23.00
C GLU A 340 -23.52 -22.08 22.72
N GLU A 341 -23.08 -23.27 23.14
CA GLU A 341 -21.71 -23.74 22.91
C GLU A 341 -21.43 -23.99 21.41
N ALA A 342 -22.48 -24.46 20.69
CA ALA A 342 -22.39 -24.64 19.22
C ALA A 342 -22.29 -23.28 18.54
N HIS A 343 -23.06 -22.29 19.02
CA HIS A 343 -22.99 -20.92 18.48
C HIS A 343 -21.58 -20.31 18.62
N GLU A 344 -20.99 -20.53 19.80
CA GLU A 344 -19.68 -19.97 20.17
C GLU A 344 -18.52 -20.62 19.34
N LEU A 345 -18.82 -21.68 18.54
CA LEU A 345 -17.82 -22.23 17.60
C LEU A 345 -17.44 -21.15 16.59
N SER A 346 -18.41 -20.27 16.22
CA SER A 346 -18.29 -19.20 15.22
C SER A 346 -17.73 -17.87 15.70
N GLU A 347 -17.85 -17.58 16.99
CA GLU A 347 -17.38 -16.33 17.57
C GLU A 347 -15.84 -16.22 17.52
N ASP A 348 -15.32 -14.98 17.50
CA ASP A 348 -13.87 -14.70 17.47
C ASP A 348 -13.21 -15.34 16.22
N HIS A 349 -13.78 -15.05 15.04
CA HIS A 349 -13.34 -15.58 13.73
C HIS A 349 -13.12 -17.09 13.75
N TYR A 350 -14.08 -17.83 14.33
CA TYR A 350 -14.10 -19.30 14.43
C TYR A 350 -12.95 -19.93 15.25
N LYS A 351 -12.44 -19.25 16.29
CA LYS A 351 -11.36 -19.77 17.13
C LYS A 351 -11.64 -21.16 17.74
N LYS A 352 -12.80 -21.34 18.39
CA LYS A 352 -13.12 -22.63 19.02
C LYS A 352 -13.22 -23.70 17.96
N TYR A 353 -13.97 -23.42 16.89
CA TYR A 353 -14.12 -24.35 15.78
C TYR A 353 -12.77 -24.79 15.23
N LEU A 354 -11.86 -23.82 14.97
CA LEU A 354 -10.53 -24.15 14.43
C LEU A 354 -9.75 -25.08 15.35
N ALA A 355 -9.78 -24.86 16.68
CA ALA A 355 -9.07 -25.76 17.60
C ALA A 355 -9.76 -27.13 17.69
N LYS A 356 -11.11 -27.16 17.66
CA LYS A 356 -11.87 -28.41 17.72
C LYS A 356 -11.65 -29.25 16.47
N LEU A 357 -11.55 -28.61 15.29
CA LEU A 357 -11.30 -29.30 14.04
C LEU A 357 -9.92 -30.02 14.09
N ARG A 358 -8.89 -29.34 14.62
CA ARG A 358 -7.55 -29.92 14.75
C ARG A 358 -7.45 -30.95 15.89
N SER A 359 -8.20 -30.75 17.00
CA SER A 359 -8.11 -31.65 18.17
C SER A 359 -8.83 -32.99 18.05
N ILE A 360 -9.92 -33.06 17.26
CA ILE A 360 -10.69 -34.30 17.11
C ILE A 360 -9.97 -35.35 16.25
N ASN A 361 -10.40 -36.62 16.36
CA ASN A 361 -9.86 -37.73 15.58
C ASN A 361 -10.76 -37.98 14.36
N PRO A 362 -10.22 -38.27 13.16
CA PRO A 362 -11.09 -38.53 12.00
C PRO A 362 -12.05 -39.72 12.14
N PRO A 363 -13.12 -39.82 11.33
CA PRO A 363 -13.54 -38.91 10.25
C PRO A 363 -14.33 -37.70 10.72
N CYS A 364 -14.38 -36.67 9.88
CA CYS A 364 -15.10 -35.44 10.17
C CYS A 364 -15.60 -34.79 8.90
N VAL A 365 -16.51 -33.83 9.03
CA VAL A 365 -16.99 -33.01 7.91
C VAL A 365 -16.79 -31.56 8.35
N PRO A 366 -15.75 -30.87 7.84
CA PRO A 366 -15.53 -29.46 8.22
C PRO A 366 -16.66 -28.54 7.77
N PHE A 367 -16.81 -27.42 8.46
CA PHE A 367 -17.79 -26.40 8.13
C PHE A 367 -17.32 -25.77 6.84
N PHE A 368 -18.09 -25.94 5.76
CA PHE A 368 -17.70 -25.45 4.45
C PHE A 368 -17.80 -23.94 4.28
N GLY A 369 -18.80 -23.34 4.90
CA GLY A 369 -19.06 -21.89 4.80
C GLY A 369 -17.89 -20.98 5.10
N ILE A 370 -17.05 -21.35 6.08
CA ILE A 370 -15.89 -20.54 6.46
C ILE A 370 -14.89 -20.39 5.29
N TYR A 371 -14.71 -21.45 4.47
CA TYR A 371 -13.78 -21.37 3.33
C TYR A 371 -14.28 -20.38 2.30
N LEU A 372 -15.59 -20.44 1.98
CA LEU A 372 -16.21 -19.51 1.03
C LEU A 372 -16.07 -18.08 1.52
N THR A 373 -16.29 -17.85 2.83
CA THR A 373 -16.15 -16.52 3.41
C THR A 373 -14.72 -16.01 3.23
N ASN A 374 -13.71 -16.83 3.58
CA ASN A 374 -12.30 -16.45 3.45
C ASN A 374 -11.85 -16.27 2.02
N ILE A 375 -12.35 -17.10 1.09
CA ILE A 375 -12.04 -16.98 -0.33
C ILE A 375 -12.63 -15.66 -0.85
N LEU A 376 -13.93 -15.39 -0.56
CA LEU A 376 -14.55 -14.14 -1.03
C LEU A 376 -13.84 -12.89 -0.48
N LYS A 377 -13.34 -12.93 0.78
CA LYS A 377 -12.59 -11.79 1.31
C LYS A 377 -11.26 -11.60 0.58
N THR A 378 -10.62 -12.71 0.20
CA THR A 378 -9.36 -12.66 -0.54
C THR A 378 -9.63 -12.16 -1.97
N GLU A 379 -10.70 -12.66 -2.60
CA GLU A 379 -11.06 -12.25 -3.97
C GLU A 379 -11.38 -10.75 -4.04
N GLU A 380 -12.14 -10.25 -3.06
CA GLU A 380 -12.52 -8.84 -3.01
C GLU A 380 -11.44 -7.92 -2.47
N GLY A 381 -10.63 -8.40 -1.53
CA GLY A 381 -9.61 -7.61 -0.88
C GLY A 381 -8.28 -7.43 -1.61
N ASN A 382 -8.07 -8.12 -2.75
CA ASN A 382 -6.82 -8.06 -3.52
C ASN A 382 -7.09 -7.72 -4.97
N PRO A 383 -6.22 -6.95 -5.66
CA PRO A 383 -6.52 -6.63 -7.07
C PRO A 383 -6.20 -7.75 -8.04
N GLU A 384 -6.94 -7.79 -9.16
CA GLU A 384 -6.78 -8.78 -10.23
C GLU A 384 -5.42 -8.66 -10.88
N VAL A 385 -4.92 -7.41 -11.03
CA VAL A 385 -3.62 -7.12 -11.64
C VAL A 385 -2.80 -6.20 -10.76
N LEU A 386 -1.48 -6.19 -10.97
CA LEU A 386 -0.55 -5.25 -10.32
C LEU A 386 -0.03 -4.37 -11.47
N LYS A 387 0.25 -3.09 -11.21
CA LYS A 387 0.73 -2.16 -12.22
C LYS A 387 2.20 -1.86 -11.92
N ARG A 388 3.08 -1.97 -12.91
CA ARG A 388 4.51 -1.69 -12.74
C ARG A 388 4.95 -0.99 -14.02
N HIS A 389 5.35 0.28 -13.92
CA HIS A 389 5.81 1.11 -15.06
C HIS A 389 4.80 1.19 -16.22
N GLY A 390 3.53 1.33 -15.86
CA GLY A 390 2.45 1.43 -16.84
C GLY A 390 1.90 0.11 -17.38
N LYS A 391 2.60 -1.01 -17.15
CA LYS A 391 2.19 -2.34 -17.63
C LYS A 391 1.36 -3.08 -16.57
N GLU A 392 0.31 -3.80 -16.99
CA GLU A 392 -0.53 -4.61 -16.10
C GLU A 392 0.06 -6.02 -16.00
N LEU A 393 0.18 -6.54 -14.77
CA LEU A 393 0.70 -7.88 -14.52
C LEU A 393 -0.34 -8.68 -13.78
N ILE A 394 -0.57 -9.95 -14.16
CA ILE A 394 -1.54 -10.77 -13.43
C ILE A 394 -1.08 -10.92 -11.99
N ASN A 395 -1.99 -10.65 -11.03
CA ASN A 395 -1.65 -10.76 -9.62
C ASN A 395 -1.72 -12.25 -9.27
N PHE A 396 -0.59 -12.95 -9.37
CA PHE A 396 -0.54 -14.39 -9.12
C PHE A 396 -0.60 -14.72 -7.63
N SER A 397 0.01 -13.89 -6.77
CA SER A 397 -0.04 -14.11 -5.31
C SER A 397 -1.48 -14.14 -4.78
N LYS A 398 -2.39 -13.39 -5.43
CA LYS A 398 -3.81 -13.39 -5.09
C LYS A 398 -4.37 -14.81 -5.30
N ARG A 399 -4.02 -15.43 -6.45
CA ARG A 399 -4.46 -16.78 -6.81
C ARG A 399 -3.85 -17.81 -5.89
N ARG A 400 -2.56 -17.64 -5.50
CA ARG A 400 -1.91 -18.57 -4.57
C ARG A 400 -2.60 -18.58 -3.20
N LYS A 401 -3.00 -17.39 -2.70
CA LYS A 401 -3.68 -17.30 -1.40
C LYS A 401 -5.02 -18.04 -1.46
N VAL A 402 -5.76 -17.86 -2.55
CA VAL A 402 -7.01 -18.58 -2.77
C VAL A 402 -6.71 -20.08 -2.84
N ALA A 403 -5.66 -20.48 -3.58
CA ALA A 403 -5.26 -21.89 -3.70
C ALA A 403 -4.84 -22.52 -2.35
N GLU A 404 -4.21 -21.75 -1.46
CA GLU A 404 -3.81 -22.25 -0.14
C GLU A 404 -5.08 -22.62 0.68
N ILE A 405 -6.15 -21.82 0.59
CA ILE A 405 -7.42 -22.13 1.28
C ILE A 405 -8.04 -23.43 0.70
N THR A 406 -8.05 -23.58 -0.65
CA THR A 406 -8.57 -24.82 -1.28
C THR A 406 -7.75 -26.04 -0.85
N GLY A 407 -6.45 -25.82 -0.56
CA GLY A 407 -5.56 -26.86 -0.05
C GLY A 407 -5.99 -27.32 1.33
N GLU A 408 -6.49 -26.38 2.17
CA GLU A 408 -7.00 -26.71 3.51
C GLU A 408 -8.28 -27.54 3.36
N ILE A 409 -9.11 -27.24 2.34
CA ILE A 409 -10.33 -27.99 2.07
C ILE A 409 -9.93 -29.45 1.76
N GLN A 410 -8.95 -29.64 0.85
CA GLN A 410 -8.49 -30.96 0.41
C GLN A 410 -7.93 -31.87 1.50
N GLN A 411 -7.32 -31.32 2.55
CA GLN A 411 -6.74 -32.18 3.61
C GLN A 411 -7.80 -33.01 4.37
N TYR A 412 -9.09 -32.61 4.29
CA TYR A 412 -10.18 -33.36 4.95
C TYR A 412 -11.06 -34.12 3.98
N GLN A 413 -10.69 -34.23 2.68
CA GLN A 413 -11.51 -34.91 1.69
C GLN A 413 -11.30 -36.45 1.55
N ASN A 414 -10.50 -37.10 2.43
CA ASN A 414 -10.33 -38.56 2.37
C ASN A 414 -10.61 -39.19 3.76
N GLN A 415 -11.81 -38.90 4.30
CA GLN A 415 -12.24 -39.35 5.62
C GLN A 415 -13.62 -39.99 5.54
N PRO A 416 -13.71 -41.16 4.87
CA PRO A 416 -15.03 -41.83 4.77
C PRO A 416 -15.56 -42.30 6.12
N TYR A 417 -16.88 -42.33 6.25
CA TYR A 417 -17.54 -42.73 7.47
C TYR A 417 -17.91 -44.21 7.48
N CYS A 418 -17.75 -44.87 8.65
CA CYS A 418 -18.16 -46.26 8.82
C CYS A 418 -19.63 -46.28 9.22
N LEU A 419 -20.50 -45.90 8.27
CA LEU A 419 -21.95 -45.80 8.46
C LEU A 419 -22.61 -46.32 7.20
N ARG A 420 -23.69 -47.06 7.36
CA ARG A 420 -24.43 -47.65 6.26
C ARG A 420 -25.40 -46.66 5.62
N VAL A 421 -25.41 -46.59 4.28
CA VAL A 421 -26.34 -45.74 3.54
C VAL A 421 -27.73 -46.40 3.64
N GLU A 422 -28.74 -45.60 3.92
CA GLU A 422 -30.14 -46.01 3.92
C GLU A 422 -30.64 -45.24 2.70
N SER A 423 -30.79 -45.92 1.55
CA SER A 423 -31.13 -45.31 0.27
C SER A 423 -32.38 -44.46 0.24
N ASP A 424 -33.41 -44.84 1.01
CA ASP A 424 -34.64 -44.03 1.01
C ASP A 424 -34.47 -42.73 1.81
N ILE A 425 -33.75 -42.79 2.93
CA ILE A 425 -33.50 -41.61 3.79
C ILE A 425 -32.54 -40.69 3.02
N LYS A 426 -31.51 -41.27 2.37
CA LYS A 426 -30.56 -40.53 1.52
C LYS A 426 -31.35 -39.72 0.49
N ARG A 427 -32.26 -40.39 -0.24
CA ARG A 427 -33.11 -39.73 -1.25
C ARG A 427 -33.97 -38.63 -0.65
N PHE A 428 -34.58 -38.92 0.52
CA PHE A 428 -35.42 -37.96 1.23
C PHE A 428 -34.64 -36.66 1.51
N PHE A 429 -33.38 -36.76 1.94
CA PHE A 429 -32.58 -35.56 2.21
C PHE A 429 -32.01 -34.93 0.94
N GLU A 430 -31.75 -35.75 -0.08
CA GLU A 430 -31.31 -35.25 -1.37
C GLU A 430 -32.41 -34.48 -2.08
N ASN A 431 -33.68 -34.83 -1.82
CA ASN A 431 -34.83 -34.19 -2.48
C ASN A 431 -35.53 -33.12 -1.67
N LEU A 432 -34.92 -32.64 -0.54
CA LEU A 432 -35.52 -31.56 0.24
C LEU A 432 -35.74 -30.37 -0.70
N ASN A 433 -36.95 -29.82 -0.71
CA ASN A 433 -37.29 -28.68 -1.55
C ASN A 433 -38.23 -27.78 -0.74
N PRO A 434 -37.73 -27.18 0.37
CA PRO A 434 -38.62 -26.34 1.20
C PRO A 434 -39.25 -25.14 0.50
N MET A 435 -38.51 -24.51 -0.42
CA MET A 435 -39.02 -23.34 -1.13
C MET A 435 -40.13 -23.62 -2.15
N GLY A 436 -40.15 -24.82 -2.73
CA GLY A 436 -41.15 -25.18 -3.74
C GLY A 436 -41.04 -24.28 -4.96
N ASN A 437 -42.17 -23.69 -5.38
CA ASN A 437 -42.15 -22.74 -6.51
C ASN A 437 -41.75 -21.33 -6.08
N SER A 438 -41.58 -21.06 -4.75
CA SER A 438 -41.12 -19.75 -4.28
C SER A 438 -39.63 -19.56 -4.54
N MET A 439 -39.18 -18.31 -4.74
CA MET A 439 -37.76 -17.96 -4.83
C MET A 439 -37.33 -17.81 -3.35
N GLU A 440 -36.04 -17.74 -3.06
CA GLU A 440 -35.58 -17.68 -1.66
C GLU A 440 -36.12 -16.49 -0.85
N LYS A 441 -36.07 -15.26 -1.39
CA LYS A 441 -36.57 -14.07 -0.68
C LYS A 441 -38.05 -14.21 -0.28
N GLU A 442 -38.93 -14.58 -1.23
CA GLU A 442 -40.34 -14.71 -0.87
C GLU A 442 -40.57 -15.91 0.09
N PHE A 443 -39.69 -16.94 0.09
CA PHE A 443 -39.80 -18.04 1.06
C PHE A 443 -39.41 -17.58 2.48
N THR A 444 -38.27 -16.88 2.61
CA THR A 444 -37.81 -16.34 3.89
C THR A 444 -38.78 -15.27 4.42
N ASP A 445 -39.41 -14.48 3.52
CA ASP A 445 -40.41 -13.49 3.93
C ASP A 445 -41.61 -14.22 4.49
N TYR A 446 -42.01 -15.31 3.82
CA TYR A 446 -43.13 -16.15 4.25
C TYR A 446 -42.82 -16.78 5.63
N LEU A 447 -41.61 -17.32 5.82
CA LEU A 447 -41.23 -17.95 7.09
C LEU A 447 -41.32 -16.95 8.25
N PHE A 448 -40.79 -15.74 8.02
CA PHE A 448 -40.78 -14.67 9.00
C PHE A 448 -42.18 -14.24 9.37
N ASN A 449 -43.07 -14.08 8.36
CA ASN A 449 -44.47 -13.73 8.58
C ASN A 449 -45.19 -14.84 9.33
N LYS A 450 -44.82 -16.10 9.09
CA LYS A 450 -45.38 -17.24 9.81
C LYS A 450 -44.90 -17.20 11.27
N SER A 451 -43.65 -16.76 11.51
CA SER A 451 -43.11 -16.60 12.86
C SER A 451 -43.92 -15.54 13.65
N LEU A 452 -44.31 -14.42 12.99
CA LEU A 452 -45.11 -13.37 13.62
C LEU A 452 -46.52 -13.87 13.93
N GLU A 453 -47.06 -14.75 13.07
CA GLU A 453 -48.39 -15.32 13.28
C GLU A 453 -48.42 -16.25 14.52
N ILE A 454 -47.45 -17.18 14.62
CA ILE A 454 -47.40 -18.16 15.72
C ILE A 454 -47.00 -17.58 17.08
N GLU A 455 -46.14 -16.54 17.06
CA GLU A 455 -45.68 -15.83 18.26
C GLU A 455 -45.69 -14.34 17.97
N PRO A 456 -46.85 -13.66 18.12
CA PRO A 456 -46.90 -12.21 17.81
C PRO A 456 -46.01 -11.35 18.71
N ARG A 457 -45.59 -10.16 18.22
CA ARG A 457 -44.74 -9.27 19.00
C ARG A 457 -45.45 -8.91 20.33
N ASN A 458 -44.67 -8.87 21.43
CA ASN A 458 -45.09 -8.70 22.84
C ASN A 458 -46.43 -8.01 23.13
N PRO A 459 -46.70 -6.76 22.65
CA PRO A 459 -48.01 -6.14 22.99
C PRO A 459 -49.20 -7.05 22.67
N LYS A 460 -49.19 -7.72 21.50
CA LYS A 460 -50.24 -8.66 21.15
C LYS A 460 -50.05 -9.95 21.97
N PRO A 461 -51.13 -10.59 22.47
CA PRO A 461 -50.94 -11.83 23.25
C PRO A 461 -50.65 -13.05 22.40
N LEU A 462 -50.28 -14.15 23.07
CA LEU A 462 -49.94 -15.41 22.42
C LEU A 462 -51.20 -16.23 22.16
N PRO A 463 -51.63 -16.44 20.89
CA PRO A 463 -52.81 -17.28 20.66
C PRO A 463 -52.48 -18.76 20.72
N ARG A 464 -53.52 -19.59 20.80
CA ARG A 464 -53.38 -21.04 20.80
C ARG A 464 -53.61 -21.53 19.39
N PHE A 465 -52.96 -22.63 19.03
CA PHE A 465 -53.12 -23.25 17.71
C PHE A 465 -53.33 -24.74 17.90
N PRO A 466 -54.15 -25.39 17.06
CA PRO A 466 -54.38 -26.83 17.22
C PRO A 466 -53.20 -27.71 16.82
N LYS A 467 -53.17 -28.94 17.34
CA LYS A 467 -52.12 -29.89 17.03
C LYS A 467 -52.22 -30.38 15.58
N LYS A 468 -51.07 -30.45 14.88
CA LYS A 468 -50.98 -30.94 13.50
C LYS A 468 -50.46 -32.38 13.40
N TYR A 469 -49.80 -32.92 14.44
CA TYR A 469 -49.21 -34.27 14.41
C TYR A 469 -50.06 -35.31 15.15
N SER A 470 -50.46 -36.38 14.46
CA SER A 470 -51.26 -37.47 15.04
C SER A 470 -50.41 -38.48 15.83
N TYR A 471 -49.13 -38.60 15.50
CA TYR A 471 -48.20 -39.55 16.12
C TYR A 471 -47.56 -39.03 17.41
N PRO A 472 -46.92 -39.90 18.25
CA PRO A 472 -46.30 -39.40 19.49
C PRO A 472 -45.10 -38.49 19.26
N LEU A 473 -44.94 -37.49 20.14
CA LEU A 473 -43.87 -36.50 20.05
C LEU A 473 -42.62 -36.83 20.84
N LYS A 474 -42.69 -37.78 21.79
CA LYS A 474 -41.51 -38.13 22.58
C LYS A 474 -40.42 -38.60 21.63
N SER A 475 -39.18 -38.19 21.88
CA SER A 475 -38.05 -38.57 21.06
C SER A 475 -37.52 -39.92 21.52
N PRO A 476 -36.97 -40.80 20.64
CA PRO A 476 -36.33 -42.01 21.15
C PRO A 476 -34.93 -41.74 21.73
N GLY A 477 -34.43 -40.51 21.59
CA GLY A 477 -33.15 -40.10 22.12
C GLY A 477 -32.01 -40.25 21.13
N VAL A 478 -30.79 -39.98 21.59
CA VAL A 478 -29.57 -40.03 20.79
C VAL A 478 -28.65 -41.22 21.14
N ARG A 479 -29.07 -42.09 22.08
CA ARG A 479 -28.28 -43.28 22.42
C ARG A 479 -28.68 -44.40 21.46
N PRO A 480 -27.73 -45.12 20.80
CA PRO A 480 -28.14 -46.23 19.93
C PRO A 480 -28.89 -47.33 20.67
N GLU B 3 37.58 54.22 -18.34
CA GLU B 3 39.01 54.54 -18.28
C GLU B 3 39.59 53.99 -16.97
N GLN B 4 40.56 53.06 -17.10
CA GLN B 4 41.24 52.39 -15.98
C GLN B 4 42.18 53.33 -15.20
N MET B 5 42.73 54.38 -15.86
CA MET B 5 43.62 55.35 -15.18
C MET B 5 42.85 56.24 -14.18
N ARG B 6 41.55 56.50 -14.42
CA ARG B 6 40.72 57.30 -13.52
C ARG B 6 40.29 56.49 -12.27
N LEU B 7 40.37 55.13 -12.30
CA LEU B 7 40.01 54.31 -11.14
C LEU B 7 41.22 54.22 -10.19
N PRO B 8 41.04 53.89 -8.90
CA PRO B 8 42.21 53.81 -8.01
C PRO B 8 43.20 52.70 -8.35
N SER B 9 44.47 52.91 -8.00
CA SER B 9 45.53 51.94 -8.24
C SER B 9 45.34 50.69 -7.34
N ALA B 10 45.80 49.52 -7.81
CA ALA B 10 45.70 48.25 -7.07
C ALA B 10 46.46 48.26 -5.73
N ASP B 11 47.50 49.11 -5.62
CA ASP B 11 48.28 49.26 -4.38
C ASP B 11 47.52 49.99 -3.26
N VAL B 12 46.43 50.72 -3.60
CA VAL B 12 45.64 51.46 -2.61
C VAL B 12 44.19 50.97 -2.48
N TYR B 13 43.69 50.16 -3.43
CA TYR B 13 42.29 49.74 -3.42
C TYR B 13 42.15 48.41 -4.14
N ARG B 14 41.48 47.43 -3.52
CA ARG B 14 41.38 46.08 -4.13
C ARG B 14 40.21 45.82 -5.09
N PHE B 15 39.22 46.70 -5.17
CA PHE B 15 38.03 46.43 -5.99
C PHE B 15 37.96 47.14 -7.34
N ALA B 16 39.13 47.53 -7.89
CA ALA B 16 39.16 48.22 -9.18
C ALA B 16 40.07 47.54 -10.22
N GLU B 17 40.55 46.30 -9.98
CA GLU B 17 41.37 45.61 -10.99
C GLU B 17 40.51 45.38 -12.24
N PRO B 18 41.08 45.40 -13.45
CA PRO B 18 40.25 45.15 -14.65
C PRO B 18 39.60 43.77 -14.66
N ASP B 19 38.40 43.67 -15.27
CA ASP B 19 37.76 42.37 -15.43
C ASP B 19 38.59 41.54 -16.41
N SER B 20 38.58 40.24 -16.24
CA SER B 20 39.30 39.32 -17.12
C SER B 20 38.61 37.98 -17.05
N GLU B 21 38.96 37.10 -17.99
CA GLU B 21 38.42 35.74 -18.03
C GLU B 21 38.82 34.92 -16.82
N GLU B 22 39.87 35.34 -16.07
CA GLU B 22 40.29 34.62 -14.87
C GLU B 22 39.89 35.29 -13.54
N ASN B 23 39.03 36.37 -13.59
CA ASN B 23 38.48 37.10 -12.42
C ASN B 23 36.95 36.92 -12.29
N ILE B 24 36.26 37.02 -13.44
CA ILE B 24 34.80 36.97 -13.49
C ILE B 24 34.29 36.47 -14.84
N ILE B 25 33.24 35.65 -14.83
CA ILE B 25 32.60 35.19 -16.07
C ILE B 25 31.09 35.34 -15.93
N PHE B 26 30.42 35.48 -17.07
CA PHE B 26 28.99 35.71 -17.16
C PHE B 26 28.28 34.62 -17.95
N GLU B 27 26.96 34.55 -17.79
CA GLU B 27 26.12 33.58 -18.48
C GLU B 27 26.08 33.84 -19.99
N GLY B 35 20.37 43.58 -21.53
CA GLY B 35 20.08 44.06 -20.19
C GLY B 35 21.28 43.98 -19.25
N ILE B 36 21.02 43.84 -17.94
CA ILE B 36 22.09 43.69 -16.94
C ILE B 36 22.70 42.29 -17.13
N PRO B 37 24.04 42.14 -17.30
CA PRO B 37 24.62 40.78 -17.40
C PRO B 37 24.44 39.93 -16.14
N ILE B 38 24.36 38.61 -16.30
CA ILE B 38 24.12 37.66 -15.21
C ILE B 38 25.43 36.98 -14.86
N ILE B 39 25.92 37.20 -13.62
CA ILE B 39 27.19 36.65 -13.18
C ILE B 39 27.10 35.13 -13.03
N LYS B 40 28.05 34.44 -13.67
CA LYS B 40 28.16 33.00 -13.64
C LYS B 40 29.14 32.59 -12.54
N ALA B 41 30.31 33.20 -12.55
CA ALA B 41 31.33 32.91 -11.54
C ALA B 41 32.28 34.06 -11.35
N GLY B 42 32.99 34.06 -10.24
CA GLY B 42 33.95 35.12 -9.94
C GLY B 42 34.69 34.93 -8.64
N THR B 43 35.80 35.67 -8.46
CA THR B 43 36.53 35.64 -7.18
C THR B 43 35.61 36.41 -6.19
N VAL B 44 35.73 36.16 -4.87
CA VAL B 44 34.88 36.89 -3.91
C VAL B 44 35.08 38.43 -4.11
N ILE B 45 36.31 38.89 -4.40
CA ILE B 45 36.57 40.33 -4.61
C ILE B 45 35.76 40.87 -5.81
N LYS B 46 35.71 40.12 -6.93
CA LYS B 46 34.93 40.56 -8.10
C LYS B 46 33.41 40.44 -7.82
N LEU B 47 32.99 39.50 -6.96
CA LEU B 47 31.58 39.36 -6.55
C LEU B 47 31.15 40.57 -5.71
N ILE B 48 32.02 41.03 -4.80
CA ILE B 48 31.77 42.22 -3.96
C ILE B 48 31.69 43.49 -4.84
N GLU B 49 32.55 43.58 -5.87
CA GLU B 49 32.59 44.74 -6.75
C GLU B 49 31.29 44.88 -7.50
N ARG B 50 30.78 43.77 -8.09
CA ARG B 50 29.52 43.78 -8.82
C ARG B 50 28.32 43.86 -7.91
N LEU B 51 28.48 43.47 -6.63
CA LEU B 51 27.40 43.56 -5.65
C LEU B 51 27.12 45.04 -5.35
N THR B 52 28.16 45.88 -5.49
CA THR B 52 28.14 47.32 -5.22
C THR B 52 28.62 48.09 -6.46
N TYR B 53 28.19 47.65 -7.66
CA TYR B 53 28.62 48.22 -8.93
C TYR B 53 28.17 49.68 -9.13
N HIS B 54 29.10 50.56 -9.53
CA HIS B 54 28.81 51.99 -9.73
C HIS B 54 27.89 52.30 -10.91
N MET B 55 27.96 51.49 -11.97
CA MET B 55 27.20 51.76 -13.19
C MET B 55 25.67 51.62 -13.04
N TYR B 56 25.20 50.67 -12.23
CA TYR B 56 23.75 50.48 -12.04
C TYR B 56 23.42 49.66 -10.80
N ALA B 57 22.16 49.75 -10.34
CA ALA B 57 21.66 48.94 -9.22
C ALA B 57 21.38 47.56 -9.84
N ASP B 58 21.46 46.51 -9.03
CA ASP B 58 21.27 45.12 -9.50
C ASP B 58 20.49 44.36 -8.41
N PRO B 59 19.18 44.64 -8.25
CA PRO B 59 18.40 43.96 -7.18
C PRO B 59 18.39 42.44 -7.21
N ASN B 60 18.44 41.81 -8.39
CA ASN B 60 18.43 40.35 -8.45
C ASN B 60 19.72 39.77 -7.91
N PHE B 61 20.87 40.34 -8.29
CA PHE B 61 22.16 39.85 -7.81
C PHE B 61 22.29 40.09 -6.29
N VAL B 62 21.90 41.28 -5.80
CA VAL B 62 21.92 41.61 -4.36
C VAL B 62 21.08 40.61 -3.57
N ARG B 63 19.83 40.34 -4.01
CA ARG B 63 18.91 39.40 -3.38
C ARG B 63 19.53 37.99 -3.33
N THR B 64 20.01 37.49 -4.48
CA THR B 64 20.63 36.16 -4.60
C THR B 64 21.91 36.06 -3.79
N PHE B 65 22.77 37.08 -3.84
CA PHE B 65 24.03 37.10 -3.10
C PHE B 65 23.78 36.97 -1.60
N LEU B 66 22.90 37.81 -1.04
CA LEU B 66 22.65 37.82 0.41
C LEU B 66 21.94 36.57 0.91
N THR B 67 21.24 35.85 0.03
CA THR B 67 20.63 34.56 0.41
C THR B 67 21.67 33.46 0.46
N THR B 68 22.66 33.50 -0.44
CA THR B 68 23.60 32.39 -0.63
C THR B 68 25.07 32.61 -0.29
N TYR B 69 25.47 33.82 0.12
CA TYR B 69 26.89 34.11 0.34
C TYR B 69 27.56 33.26 1.44
N ARG B 70 26.79 32.78 2.44
CA ARG B 70 27.33 31.97 3.54
C ARG B 70 27.99 30.67 3.08
N SER B 71 27.66 30.16 1.87
CA SER B 71 28.29 28.98 1.28
C SER B 71 29.72 29.25 0.75
N PHE B 72 30.14 30.53 0.67
CA PHE B 72 31.48 30.89 0.17
C PHE B 72 32.18 32.03 0.92
N CYS B 73 31.53 32.64 1.90
CA CYS B 73 32.09 33.79 2.61
C CYS B 73 31.38 33.88 3.97
N LYS B 74 32.11 34.11 5.05
CA LYS B 74 31.50 34.24 6.37
C LYS B 74 30.86 35.64 6.53
N PRO B 75 29.82 35.77 7.39
CA PRO B 75 29.23 37.11 7.64
C PRO B 75 30.22 38.19 8.05
N GLN B 76 31.17 37.87 8.94
CA GLN B 76 32.20 38.82 9.40
C GLN B 76 33.07 39.28 8.24
N GLU B 77 33.40 38.35 7.34
CA GLU B 77 34.23 38.61 6.17
C GLU B 77 33.47 39.50 5.18
N LEU B 78 32.16 39.22 4.94
CA LEU B 78 31.35 40.04 4.06
C LEU B 78 31.29 41.50 4.55
N LEU B 79 31.02 41.70 5.84
CA LEU B 79 30.96 43.04 6.42
C LEU B 79 32.33 43.74 6.24
N SER B 80 33.41 43.01 6.49
CA SER B 80 34.76 43.57 6.29
C SER B 80 34.98 43.99 4.84
N LEU B 81 34.55 43.14 3.89
CA LEU B 81 34.71 43.42 2.48
C LEU B 81 33.91 44.63 1.98
N ILE B 82 32.65 44.78 2.45
CA ILE B 82 31.84 45.93 2.01
C ILE B 82 32.33 47.22 2.65
N ILE B 83 32.89 47.16 3.89
CA ILE B 83 33.45 48.35 4.53
C ILE B 83 34.73 48.78 3.76
N GLU B 84 35.55 47.81 3.33
CA GLU B 84 36.78 48.06 2.55
C GLU B 84 36.40 48.63 1.15
N ARG B 85 35.31 48.10 0.56
CA ARG B 85 34.74 48.59 -0.71
C ARG B 85 34.37 50.08 -0.56
N PHE B 86 33.73 50.42 0.56
CA PHE B 86 33.29 51.77 0.86
C PHE B 86 34.39 52.80 0.98
N GLU B 87 35.55 52.43 1.53
CA GLU B 87 36.66 53.37 1.72
C GLU B 87 37.49 53.46 0.43
N ILE B 88 37.08 54.37 -0.45
CA ILE B 88 37.69 54.58 -1.75
C ILE B 88 38.72 55.70 -1.70
N PRO B 89 39.98 55.46 -2.12
CA PRO B 89 40.94 56.58 -2.20
C PRO B 89 40.57 57.57 -3.29
N GLU B 90 40.85 58.85 -3.05
CA GLU B 90 40.57 59.92 -4.02
C GLU B 90 41.84 60.21 -4.80
N PRO B 91 41.74 60.61 -6.09
CA PRO B 91 42.97 60.92 -6.85
C PRO B 91 43.71 62.17 -6.34
N GLU B 92 45.01 62.26 -6.64
CA GLU B 92 45.80 63.45 -6.24
C GLU B 92 45.35 64.64 -7.08
N PRO B 93 45.52 65.89 -6.58
CA PRO B 93 45.18 67.06 -7.42
C PRO B 93 46.08 67.14 -8.66
N THR B 94 45.58 67.76 -9.75
CA THR B 94 46.40 67.94 -10.96
C THR B 94 47.55 68.94 -10.63
N GLU B 95 48.54 69.09 -11.52
CA GLU B 95 49.65 70.01 -11.30
C GLU B 95 49.16 71.45 -11.11
N ALA B 96 48.25 71.92 -11.99
CA ALA B 96 47.68 73.26 -11.90
C ALA B 96 46.96 73.45 -10.57
N ASP B 97 46.23 72.42 -10.13
CA ASP B 97 45.50 72.48 -8.84
C ASP B 97 46.40 72.44 -7.64
N ARG B 98 47.57 71.78 -7.73
CA ARG B 98 48.58 71.76 -6.68
C ARG B 98 49.12 73.18 -6.48
N ILE B 99 49.36 73.88 -7.60
CA ILE B 99 49.84 75.26 -7.57
C ILE B 99 48.74 76.14 -6.97
N ALA B 100 47.47 75.92 -7.36
CA ALA B 100 46.35 76.70 -6.81
C ALA B 100 46.27 76.54 -5.28
N ILE B 101 46.32 75.29 -4.79
CA ILE B 101 46.26 74.95 -3.35
C ILE B 101 47.46 75.60 -2.64
N GLU B 102 48.65 75.49 -3.23
CA GLU B 102 49.91 76.05 -2.70
C GLU B 102 49.82 77.58 -2.53
N ASN B 103 49.00 78.26 -3.34
CA ASN B 103 48.81 79.71 -3.25
C ASN B 103 47.64 80.13 -2.36
N GLY B 104 47.04 79.17 -1.65
CA GLY B 104 45.89 79.41 -0.79
C GLY B 104 44.57 79.55 -1.53
N ASP B 105 44.54 79.21 -2.84
CA ASP B 105 43.31 79.34 -3.67
C ASP B 105 42.53 78.03 -3.79
N GLN B 106 41.26 78.14 -4.22
CA GLN B 106 40.41 76.96 -4.40
C GLN B 106 40.80 76.23 -5.70
N PRO B 107 41.17 74.93 -5.63
CA PRO B 107 41.49 74.19 -6.87
C PRO B 107 40.24 74.00 -7.75
N LEU B 108 40.43 73.75 -9.04
CA LEU B 108 39.31 73.50 -9.95
C LEU B 108 38.74 72.11 -9.61
N SER B 109 39.64 71.10 -9.43
CA SER B 109 39.29 69.72 -9.04
C SER B 109 38.27 69.08 -9.97
N ALA B 110 38.39 69.33 -11.29
CA ALA B 110 37.43 68.85 -12.27
C ALA B 110 37.27 67.32 -12.29
N GLU B 111 38.38 66.57 -12.40
CA GLU B 111 38.34 65.12 -12.40
C GLU B 111 38.01 64.57 -11.01
N LEU B 112 38.54 65.18 -9.95
CA LEU B 112 38.29 64.78 -8.57
C LEU B 112 36.76 64.83 -8.30
N LYS B 113 36.09 65.90 -8.75
CA LYS B 113 34.63 66.05 -8.60
C LYS B 113 33.85 65.05 -9.43
N ARG B 114 34.32 64.75 -10.66
CA ARG B 114 33.66 63.75 -11.52
C ARG B 114 33.81 62.35 -10.87
N PHE B 115 35.03 62.00 -10.41
CA PHE B 115 35.30 60.74 -9.71
C PHE B 115 34.43 60.58 -8.46
N ARG B 116 34.20 61.67 -7.70
CA ARG B 116 33.32 61.59 -6.51
C ARG B 116 31.87 61.29 -6.89
N LYS B 117 31.35 62.01 -7.87
CA LYS B 117 29.97 61.91 -8.31
C LYS B 117 29.67 60.67 -9.15
N GLU B 118 30.60 60.24 -9.98
CA GLU B 118 30.39 59.11 -10.88
C GLU B 118 30.85 57.76 -10.35
N TYR B 119 31.72 57.73 -9.34
CA TYR B 119 32.21 56.47 -8.79
C TYR B 119 32.06 56.37 -7.28
N ILE B 120 32.63 57.30 -6.51
CA ILE B 120 32.61 57.21 -5.04
C ILE B 120 31.19 57.21 -4.49
N GLN B 121 30.43 58.27 -4.76
CA GLN B 121 29.07 58.42 -4.25
C GLN B 121 28.18 57.23 -4.66
N PRO B 122 28.12 56.80 -5.94
CA PRO B 122 27.34 55.58 -6.27
C PRO B 122 27.81 54.30 -5.57
N VAL B 123 29.12 54.02 -5.48
CA VAL B 123 29.58 52.78 -4.80
C VAL B 123 29.19 52.82 -3.33
N GLN B 124 29.45 53.94 -2.66
CA GLN B 124 29.10 54.09 -1.25
C GLN B 124 27.60 53.89 -0.97
N LEU B 125 26.71 54.44 -1.84
CA LEU B 125 25.26 54.23 -1.71
C LEU B 125 24.93 52.76 -1.99
N ARG B 126 25.66 52.14 -2.94
CA ARG B 126 25.50 50.72 -3.28
C ARG B 126 25.86 49.85 -2.06
N VAL B 127 26.89 50.23 -1.28
CA VAL B 127 27.30 49.53 -0.05
C VAL B 127 26.19 49.66 1.00
N LEU B 128 25.67 50.89 1.22
CA LEU B 128 24.57 51.11 2.17
C LEU B 128 23.31 50.35 1.76
N ASN B 129 23.08 50.20 0.46
CA ASN B 129 21.93 49.43 -0.04
C ASN B 129 22.08 47.93 0.33
N VAL B 130 23.32 47.39 0.28
CA VAL B 130 23.62 46.00 0.70
C VAL B 130 23.34 45.90 2.19
N CYS B 131 23.84 46.86 3.00
CA CYS B 131 23.60 46.90 4.46
C CYS B 131 22.11 46.89 4.74
N ARG B 132 21.33 47.70 4.00
CA ARG B 132 19.88 47.78 4.19
C ARG B 132 19.17 46.46 3.88
N HIS B 133 19.50 45.85 2.72
CA HIS B 133 18.93 44.55 2.32
C HIS B 133 19.34 43.46 3.30
N TRP B 134 20.59 43.53 3.81
CA TRP B 134 21.14 42.57 4.78
C TRP B 134 20.34 42.60 6.11
N VAL B 135 20.09 43.78 6.67
CA VAL B 135 19.34 43.88 7.94
C VAL B 135 17.87 43.58 7.72
N GLU B 136 17.31 43.91 6.56
CA GLU B 136 15.90 43.70 6.26
C GLU B 136 15.53 42.25 6.09
N HIS B 137 16.25 41.54 5.21
CA HIS B 137 15.91 40.18 4.83
C HIS B 137 16.72 39.09 5.51
N HIS B 138 17.86 39.42 6.16
CA HIS B 138 18.68 38.42 6.83
C HIS B 138 19.15 38.88 8.21
N PHE B 139 18.22 39.43 9.01
CA PHE B 139 18.58 39.90 10.36
C PHE B 139 19.12 38.82 11.29
N TYR B 140 18.79 37.54 11.02
CA TYR B 140 19.29 36.43 11.82
C TYR B 140 20.82 36.40 11.90
N ASP B 141 21.55 36.90 10.87
CA ASP B 141 23.02 36.96 10.95
C ASP B 141 23.46 37.80 12.15
N PHE B 142 22.72 38.88 12.41
CA PHE B 142 22.99 39.82 13.51
C PHE B 142 22.51 39.30 14.86
N GLU B 143 21.42 38.50 14.88
CA GLU B 143 20.92 37.88 16.11
C GLU B 143 21.90 36.80 16.57
N ARG B 144 22.47 36.06 15.60
CA ARG B 144 23.44 34.98 15.85
C ARG B 144 24.84 35.47 16.20
N ASP B 145 25.16 36.73 15.92
CA ASP B 145 26.48 37.29 16.17
C ASP B 145 26.32 38.74 16.59
N ALA B 146 26.26 38.97 17.91
CA ALA B 146 26.07 40.32 18.48
C ALA B 146 27.20 41.27 18.06
N TYR B 147 28.43 40.73 17.94
CA TYR B 147 29.62 41.47 17.51
C TYR B 147 29.51 41.92 16.04
N LEU B 148 28.84 41.13 15.17
CA LEU B 148 28.61 41.50 13.78
C LEU B 148 27.71 42.75 13.75
N LEU B 149 26.67 42.78 14.61
CA LEU B 149 25.76 43.92 14.70
C LEU B 149 26.47 45.14 15.25
N GLN B 150 27.33 44.95 16.27
CA GLN B 150 28.12 46.05 16.83
C GLN B 150 28.99 46.71 15.76
N ARG B 151 29.62 45.90 14.89
CA ARG B 151 30.46 46.42 13.80
C ARG B 151 29.60 47.16 12.78
N MET B 152 28.43 46.60 12.43
CA MET B 152 27.50 47.20 11.48
C MET B 152 27.01 48.56 12.00
N GLU B 153 26.64 48.63 13.28
CA GLU B 153 26.16 49.90 13.85
C GLU B 153 27.26 50.94 13.97
N GLU B 154 28.50 50.52 14.26
CA GLU B 154 29.64 51.43 14.32
C GLU B 154 29.91 51.98 12.91
N PHE B 155 29.85 51.12 11.89
CA PHE B 155 30.06 51.52 10.49
C PHE B 155 29.00 52.54 10.03
N ILE B 156 27.74 52.14 10.11
CA ILE B 156 26.56 52.95 9.76
C ILE B 156 26.51 54.27 10.54
N GLY B 157 26.87 54.21 11.82
CA GLY B 157 26.88 55.37 12.72
C GLY B 157 27.98 56.39 12.49
N THR B 158 29.06 56.01 11.75
CA THR B 158 30.17 56.93 11.45
C THR B 158 30.18 57.40 9.98
N VAL B 159 29.14 57.07 9.20
CA VAL B 159 29.03 57.55 7.82
C VAL B 159 28.70 59.06 7.89
N ARG B 160 29.29 59.89 7.02
CA ARG B 160 29.08 61.35 7.02
C ARG B 160 28.51 61.83 5.68
N GLY B 161 27.80 62.96 5.71
CA GLY B 161 27.14 63.54 4.54
C GLY B 161 25.62 63.51 4.68
N LYS B 162 24.92 64.47 4.07
CA LYS B 162 23.46 64.60 4.17
C LYS B 162 22.68 63.56 3.36
N ALA B 163 23.10 63.27 2.12
CA ALA B 163 22.45 62.26 1.28
C ALA B 163 22.61 60.86 1.89
N MET B 164 23.73 60.64 2.61
CA MET B 164 24.05 59.37 3.25
C MET B 164 23.31 59.21 4.58
N LYS B 165 23.17 60.30 5.37
CA LYS B 165 22.51 60.20 6.68
C LYS B 165 21.07 59.71 6.57
N LYS B 166 20.38 59.98 5.44
CA LYS B 166 19.02 59.49 5.20
C LYS B 166 19.01 57.96 5.05
N TRP B 167 19.99 57.41 4.32
CA TRP B 167 20.15 55.96 4.15
C TRP B 167 20.45 55.32 5.51
N VAL B 168 21.35 55.97 6.27
CA VAL B 168 21.76 55.51 7.61
C VAL B 168 20.51 55.41 8.50
N GLU B 169 19.61 56.41 8.44
CA GLU B 169 18.38 56.40 9.25
C GLU B 169 17.47 55.24 8.88
N SER B 170 17.24 54.98 7.58
CA SER B 170 16.39 53.86 7.16
C SER B 170 17.01 52.50 7.55
N ILE B 171 18.35 52.37 7.54
CA ILE B 171 19.02 51.13 7.96
C ILE B 171 18.82 50.99 9.49
N THR B 172 19.05 52.08 10.25
CA THR B 172 18.86 52.09 11.71
C THR B 172 17.41 51.75 12.07
N LYS B 173 16.44 52.32 11.33
CA LYS B 173 15.01 52.07 11.55
C LYS B 173 14.68 50.57 11.43
N ILE B 174 15.25 49.89 10.43
CA ILE B 174 15.03 48.45 10.26
C ILE B 174 15.67 47.69 11.45
N ILE B 175 16.92 48.01 11.81
CA ILE B 175 17.62 47.35 12.92
C ILE B 175 16.81 47.44 14.23
N GLN B 176 16.32 48.64 14.56
CA GLN B 176 15.55 48.85 15.79
C GLN B 176 14.20 48.11 15.72
N ARG B 177 13.55 48.10 14.55
CA ARG B 177 12.30 47.37 14.34
C ARG B 177 12.54 45.84 14.53
N LYS B 178 13.67 45.33 14.01
CA LYS B 178 14.01 43.91 14.16
C LYS B 178 14.27 43.54 15.63
N LYS B 179 14.92 44.43 16.39
CA LYS B 179 15.19 44.20 17.82
C LYS B 179 13.89 44.18 18.63
N ILE B 180 13.01 45.16 18.37
CA ILE B 180 11.70 45.29 19.05
C ILE B 180 10.82 44.09 18.73
N ALA B 181 10.91 43.55 17.50
CA ALA B 181 10.12 42.40 17.06
C ALA B 181 10.44 41.12 17.85
N ARG B 182 11.69 40.98 18.34
CA ARG B 182 12.13 39.83 19.14
C ARG B 182 11.54 39.92 20.55
N PHE B 192 -8.36 36.66 11.01
CA PHE B 192 -9.18 35.76 10.20
C PHE B 192 -10.36 36.54 9.63
N GLN B 193 -10.62 36.45 8.31
CA GLN B 193 -11.73 37.16 7.67
C GLN B 193 -13.07 36.50 8.05
N SER B 194 -13.14 35.18 7.92
CA SER B 194 -14.33 34.40 8.27
C SER B 194 -14.10 33.73 9.63
N SER B 195 -15.17 33.20 10.23
CA SER B 195 -15.06 32.49 11.51
C SER B 195 -14.53 31.07 11.23
N PRO B 196 -13.60 30.54 12.04
CA PRO B 196 -13.10 29.17 11.78
C PRO B 196 -14.12 28.11 12.18
N PRO B 197 -14.08 26.89 11.58
CA PRO B 197 -15.05 25.86 11.96
C PRO B 197 -14.89 25.36 13.40
N THR B 198 -15.96 24.79 13.95
CA THR B 198 -15.97 24.28 15.31
C THR B 198 -14.92 23.17 15.49
N VAL B 199 -14.20 23.18 16.63
CA VAL B 199 -13.19 22.16 16.93
C VAL B 199 -13.93 20.83 17.12
N GLU B 200 -13.50 19.77 16.41
CA GLU B 200 -14.11 18.45 16.47
C GLU B 200 -13.50 17.61 17.57
N TRP B 201 -14.35 16.89 18.32
CA TRP B 201 -13.95 15.97 19.39
C TRP B 201 -14.61 14.61 19.14
N HIS B 202 -13.94 13.52 19.53
CA HIS B 202 -14.44 12.16 19.32
C HIS B 202 -14.56 11.43 20.68
N ILE B 203 -13.55 10.65 21.12
CA ILE B 203 -13.64 9.97 22.42
C ILE B 203 -13.05 10.88 23.49
N SER B 204 -11.77 11.26 23.33
CA SER B 204 -11.07 12.15 24.26
C SER B 204 -11.82 13.46 24.46
N ARG B 205 -11.93 13.92 25.71
CA ARG B 205 -12.62 15.17 26.02
C ARG B 205 -11.64 16.33 26.07
N PRO B 206 -12.05 17.58 25.79
CA PRO B 206 -11.11 18.72 25.95
C PRO B 206 -10.48 18.76 27.34
N GLY B 207 -9.16 18.97 27.39
CA GLY B 207 -8.43 18.99 28.65
C GLY B 207 -7.94 17.62 29.13
N HIS B 208 -8.61 16.51 28.73
CA HIS B 208 -8.21 15.14 29.11
C HIS B 208 -7.08 14.69 28.19
N ILE B 209 -5.92 15.35 28.33
CA ILE B 209 -4.72 15.14 27.51
C ILE B 209 -4.09 13.76 27.68
N GLU B 210 -4.38 13.09 28.79
CA GLU B 210 -3.84 11.78 29.12
C GLU B 210 -4.38 10.70 28.19
N THR B 211 -5.57 10.91 27.63
CA THR B 211 -6.23 9.95 26.75
C THR B 211 -6.02 10.24 25.24
N PHE B 212 -5.32 11.34 24.90
CA PHE B 212 -5.10 11.72 23.51
C PHE B 212 -4.32 10.64 22.79
N ASP B 213 -4.83 10.21 21.64
CA ASP B 213 -4.18 9.20 20.82
C ASP B 213 -4.74 9.25 19.42
N LEU B 214 -4.20 8.42 18.52
CA LEU B 214 -4.62 8.37 17.12
C LEU B 214 -6.09 8.09 16.97
N LEU B 215 -6.62 7.09 17.70
CA LEU B 215 -8.03 6.70 17.55
C LEU B 215 -9.01 7.42 18.46
N THR B 216 -8.52 8.07 19.53
CA THR B 216 -9.38 8.75 20.51
C THR B 216 -9.70 10.19 20.11
N LEU B 217 -8.74 10.89 19.46
CA LEU B 217 -8.96 12.25 18.94
C LEU B 217 -9.80 12.14 17.66
N HIS B 218 -10.49 13.20 17.26
CA HIS B 218 -11.29 13.19 16.03
C HIS B 218 -10.34 13.28 14.82
N PRO B 219 -10.49 12.42 13.77
CA PRO B 219 -9.57 12.51 12.61
C PRO B 219 -9.57 13.85 11.91
N ILE B 220 -10.73 14.55 11.88
CA ILE B 220 -10.81 15.88 11.28
C ILE B 220 -9.87 16.81 12.05
N GLU B 221 -9.96 16.78 13.39
CA GLU B 221 -9.15 17.65 14.23
C GLU B 221 -7.66 17.31 14.18
N ILE B 222 -7.31 16.02 14.08
CA ILE B 222 -5.91 15.60 13.93
C ILE B 222 -5.34 16.27 12.67
N ALA B 223 -6.05 16.12 11.54
CA ALA B 223 -5.62 16.70 10.27
C ALA B 223 -5.57 18.24 10.30
N ARG B 224 -6.56 18.90 10.94
CA ARG B 224 -6.59 20.38 11.04
C ARG B 224 -5.42 20.89 11.87
N GLN B 225 -5.19 20.28 13.05
CA GLN B 225 -4.09 20.71 13.94
C GLN B 225 -2.72 20.39 13.37
N LEU B 226 -2.58 19.25 12.68
CA LEU B 226 -1.31 18.92 12.00
C LEU B 226 -1.06 19.90 10.84
N THR B 227 -2.12 20.35 10.13
CA THR B 227 -1.99 21.33 9.03
C THR B 227 -1.56 22.69 9.56
N LEU B 228 -2.11 23.13 10.72
CA LEU B 228 -1.71 24.39 11.35
C LEU B 228 -0.23 24.30 11.71
N LEU B 229 0.16 23.21 12.39
CA LEU B 229 1.53 22.96 12.84
C LEU B 229 2.49 22.98 11.65
N GLU B 230 2.18 22.22 10.60
CA GLU B 230 3.00 22.13 9.40
C GLU B 230 2.99 23.42 8.58
N SER B 231 1.87 24.15 8.58
CA SER B 231 1.81 25.45 7.92
C SER B 231 2.82 26.37 8.58
N ASP B 232 2.81 26.45 9.93
CA ASP B 232 3.77 27.27 10.68
C ASP B 232 5.21 26.84 10.49
N LEU B 233 5.47 25.52 10.42
CA LEU B 233 6.85 25.05 10.22
C LEU B 233 7.34 25.41 8.83
N TYR B 234 6.46 25.27 7.81
CA TYR B 234 6.77 25.60 6.43
C TYR B 234 7.07 27.11 6.26
N ARG B 235 6.25 27.96 6.89
CA ARG B 235 6.38 29.42 6.81
C ARG B 235 7.63 29.94 7.55
N ALA B 236 8.14 29.19 8.54
CA ALA B 236 9.32 29.60 9.30
C ALA B 236 10.65 29.35 8.60
N VAL B 237 10.70 28.49 7.57
CA VAL B 237 11.97 28.17 6.92
C VAL B 237 12.49 29.36 6.09
N GLN B 238 13.74 29.79 6.35
CA GLN B 238 14.37 30.88 5.62
C GLN B 238 15.25 30.30 4.51
N PRO B 239 15.30 30.95 3.32
CA PRO B 239 16.13 30.41 2.22
C PRO B 239 17.57 30.01 2.52
N SER B 240 18.30 30.79 3.34
CA SER B 240 19.71 30.49 3.66
C SER B 240 19.92 29.20 4.46
N GLU B 241 18.88 28.74 5.16
CA GLU B 241 18.96 27.47 5.90
C GLU B 241 19.12 26.29 4.92
N LEU B 242 18.69 26.48 3.67
CA LEU B 242 18.75 25.48 2.58
C LEU B 242 19.96 25.59 1.65
N VAL B 243 20.76 26.66 1.72
CA VAL B 243 21.92 26.82 0.82
C VAL B 243 23.16 26.06 1.30
N GLY B 244 23.92 25.47 0.38
CA GLY B 244 25.19 24.78 0.67
C GLY B 244 25.09 23.56 1.58
N SER B 245 23.89 22.93 1.65
CA SER B 245 23.61 21.78 2.54
C SER B 245 24.02 22.03 3.98
N VAL B 246 23.89 23.28 4.46
CA VAL B 246 24.33 23.65 5.81
C VAL B 246 23.59 22.89 6.92
N TRP B 247 22.36 22.43 6.67
CA TRP B 247 21.57 21.68 7.66
C TRP B 247 22.14 20.27 7.90
N THR B 248 22.98 19.76 6.97
CA THR B 248 23.66 18.46 7.09
C THR B 248 25.09 18.64 7.63
N LYS B 249 25.59 19.89 7.65
CA LYS B 249 26.94 20.23 8.07
C LYS B 249 27.04 20.48 9.58
N GLU B 250 28.24 20.74 10.05
CA GLU B 250 28.62 20.80 11.45
C GLU B 250 27.85 21.83 12.32
N ASP B 251 27.60 23.06 11.82
CA ASP B 251 26.88 24.08 12.61
C ASP B 251 25.37 24.13 12.32
N LYS B 252 24.80 23.00 11.88
CA LYS B 252 23.39 22.85 11.49
C LYS B 252 22.35 23.40 12.45
N GLU B 253 22.53 23.23 13.77
CA GLU B 253 21.52 23.71 14.74
C GLU B 253 21.38 25.24 14.74
N ILE B 254 22.48 25.95 14.56
CA ILE B 254 22.47 27.41 14.55
C ILE B 254 22.04 27.94 13.17
N ASN B 255 22.51 27.29 12.08
CA ASN B 255 22.24 27.76 10.72
C ASN B 255 20.95 27.32 10.07
N SER B 256 20.37 26.21 10.52
CA SER B 256 19.14 25.68 9.94
C SER B 256 18.17 25.23 11.04
N PRO B 257 17.84 26.10 12.03
CA PRO B 257 16.92 25.66 13.11
C PRO B 257 15.50 25.35 12.66
N ASN B 258 14.96 26.15 11.76
CA ASN B 258 13.60 25.96 11.26
C ASN B 258 13.50 24.80 10.29
N LEU B 259 14.52 24.63 9.42
CA LEU B 259 14.56 23.52 8.48
C LEU B 259 14.65 22.20 9.26
N LEU B 260 15.51 22.15 10.28
CA LEU B 260 15.66 20.95 11.10
C LEU B 260 14.40 20.58 11.85
N LYS B 261 13.65 21.58 12.34
CA LYS B 261 12.37 21.35 13.01
C LYS B 261 11.35 20.74 12.03
N MET B 262 11.35 21.23 10.77
CA MET B 262 10.45 20.77 9.71
C MET B 262 10.72 19.27 9.42
N ILE B 263 11.99 18.93 9.24
CA ILE B 263 12.43 17.55 8.97
C ILE B 263 12.15 16.64 10.15
N ARG B 264 12.44 17.12 11.37
CA ARG B 264 12.21 16.33 12.57
C ARG B 264 10.73 16.05 12.80
N HIS B 265 9.85 17.00 12.49
CA HIS B 265 8.41 16.79 12.61
C HIS B 265 7.98 15.68 11.64
N THR B 266 8.46 15.72 10.39
CA THR B 266 8.12 14.74 9.37
C THR B 266 8.55 13.36 9.77
N THR B 267 9.78 13.22 10.24
CA THR B 267 10.31 11.95 10.72
C THR B 267 9.42 11.46 11.86
N ASN B 268 9.22 12.29 12.90
CA ASN B 268 8.43 11.91 14.08
C ASN B 268 7.00 11.54 13.76
N LEU B 269 6.31 12.34 12.93
CA LEU B 269 4.93 12.03 12.58
C LEU B 269 4.84 10.74 11.76
N THR B 270 5.71 10.60 10.75
CA THR B 270 5.73 9.41 9.87
C THR B 270 5.98 8.14 10.67
N LEU B 271 7.02 8.17 11.52
CA LEU B 271 7.37 7.04 12.37
C LEU B 271 6.30 6.76 13.42
N TRP B 272 5.61 7.79 13.91
CA TRP B 272 4.53 7.59 14.88
C TRP B 272 3.36 6.86 14.18
N PHE B 273 3.03 7.22 12.92
CA PHE B 273 2.00 6.50 12.17
C PHE B 273 2.39 5.04 12.06
N GLU B 274 3.67 4.77 11.71
CA GLU B 274 4.19 3.40 11.57
C GLU B 274 4.07 2.62 12.87
N LYS B 275 4.45 3.27 13.98
CA LYS B 275 4.39 2.73 15.33
C LYS B 275 2.92 2.41 15.69
N CYS B 276 1.99 3.34 15.41
CA CYS B 276 0.55 3.12 15.68
C CYS B 276 0.08 1.87 14.99
N ILE B 277 0.52 1.67 13.75
CA ILE B 277 0.14 0.51 12.94
C ILE B 277 0.76 -0.79 13.44
N VAL B 278 2.09 -0.91 13.40
CA VAL B 278 2.73 -2.21 13.74
C VAL B 278 2.61 -2.60 15.24
N GLU B 279 2.42 -1.64 16.16
CA GLU B 279 2.26 -1.98 17.57
C GLU B 279 0.83 -2.42 17.90
N THR B 280 -0.11 -2.29 16.93
CA THR B 280 -1.50 -2.79 17.03
C THR B 280 -1.39 -4.22 16.47
N GLU B 281 -1.15 -5.17 17.36
CA GLU B 281 -0.91 -6.56 16.97
C GLU B 281 -2.18 -7.28 16.53
N ASN B 282 -3.35 -6.92 17.07
CA ASN B 282 -4.62 -7.51 16.66
C ASN B 282 -4.94 -7.01 15.25
N LEU B 283 -5.21 -7.92 14.31
CA LEU B 283 -5.48 -7.60 12.90
C LEU B 283 -6.64 -6.62 12.68
N GLU B 284 -7.84 -6.91 13.23
CA GLU B 284 -9.02 -6.02 13.11
C GLU B 284 -8.75 -4.63 13.69
N GLU B 285 -8.03 -4.56 14.81
CA GLU B 285 -7.69 -3.26 15.38
C GLU B 285 -6.73 -2.51 14.47
N ARG B 286 -5.74 -3.21 13.87
CA ARG B 286 -4.74 -2.60 12.99
C ARG B 286 -5.40 -2.06 11.70
N VAL B 287 -6.43 -2.76 11.18
CA VAL B 287 -7.22 -2.31 10.02
C VAL B 287 -7.91 -0.96 10.38
N ALA B 288 -8.49 -0.84 11.61
CA ALA B 288 -9.11 0.40 12.08
C ALA B 288 -8.08 1.55 12.13
N VAL B 289 -6.86 1.25 12.63
CA VAL B 289 -5.78 2.23 12.73
C VAL B 289 -5.38 2.72 11.30
N VAL B 290 -5.12 1.79 10.37
CA VAL B 290 -4.77 2.11 8.97
C VAL B 290 -5.88 2.89 8.31
N SER B 291 -7.14 2.46 8.48
N SER B 291 -7.17 2.47 8.47
CA SER B 291 -8.30 3.17 7.91
CA SER B 291 -8.30 3.20 7.88
C SER B 291 -8.41 4.60 8.45
C SER B 291 -8.40 4.62 8.44
N ARG B 292 -8.12 4.79 9.74
CA ARG B 292 -8.16 6.11 10.38
C ARG B 292 -7.10 7.06 9.82
N ILE B 293 -5.88 6.53 9.57
CA ILE B 293 -4.78 7.31 9.01
C ILE B 293 -5.14 7.72 7.56
N ILE B 294 -5.84 6.84 6.82
CA ILE B 294 -6.30 7.17 5.47
C ILE B 294 -7.32 8.34 5.54
N GLU B 295 -8.25 8.28 6.51
CA GLU B 295 -9.23 9.36 6.72
C GLU B 295 -8.48 10.65 7.06
N ILE B 296 -7.41 10.58 7.90
CA ILE B 296 -6.58 11.76 8.20
C ILE B 296 -6.02 12.31 6.88
N LEU B 297 -5.51 11.41 6.01
CA LEU B 297 -4.99 11.81 4.70
C LEU B 297 -6.10 12.52 3.90
N GLN B 298 -7.33 11.98 3.91
CA GLN B 298 -8.43 12.60 3.16
C GLN B 298 -8.70 14.04 3.61
N VAL B 299 -8.59 14.32 4.90
CA VAL B 299 -8.81 15.67 5.40
C VAL B 299 -7.60 16.55 5.04
N PHE B 300 -6.37 16.01 4.99
CA PHE B 300 -5.21 16.78 4.53
C PHE B 300 -5.46 17.21 3.05
N GLN B 301 -6.06 16.32 2.22
CA GLN B 301 -6.38 16.61 0.81
C GLN B 301 -7.40 17.74 0.72
N GLU B 302 -8.45 17.69 1.56
CA GLU B 302 -9.46 18.75 1.61
C GLU B 302 -8.82 20.09 1.98
N LEU B 303 -7.79 20.06 2.84
CA LEU B 303 -7.08 21.27 3.27
C LEU B 303 -5.92 21.66 2.37
N ASN B 304 -5.64 20.90 1.30
CA ASN B 304 -4.50 21.13 0.41
C ASN B 304 -3.17 21.07 1.19
N ASN B 305 -3.13 20.20 2.22
CA ASN B 305 -1.91 19.98 2.97
C ASN B 305 -1.22 18.80 2.26
N PHE B 306 -0.52 19.10 1.16
CA PHE B 306 0.19 18.07 0.37
C PHE B 306 1.31 17.42 1.18
N ASN B 307 1.95 18.21 2.06
CA ASN B 307 2.98 17.72 2.96
C ASN B 307 2.45 16.56 3.81
N GLY B 308 1.29 16.79 4.45
CA GLY B 308 0.61 15.80 5.30
C GLY B 308 0.19 14.57 4.52
N VAL B 309 -0.36 14.79 3.30
CA VAL B 309 -0.76 13.69 2.41
C VAL B 309 0.48 12.82 2.13
N LEU B 310 1.63 13.43 1.77
CA LEU B 310 2.82 12.64 1.45
C LEU B 310 3.53 12.06 2.67
N GLU B 311 3.26 12.58 3.88
CA GLU B 311 3.75 11.97 5.11
C GLU B 311 3.02 10.65 5.34
N VAL B 312 1.70 10.66 5.10
CA VAL B 312 0.87 9.46 5.22
C VAL B 312 1.31 8.42 4.18
N VAL B 313 1.44 8.86 2.91
CA VAL B 313 1.92 8.00 1.80
C VAL B 313 3.26 7.38 2.20
N SER B 314 4.18 8.19 2.78
CA SER B 314 5.49 7.71 3.24
C SER B 314 5.36 6.63 4.34
N ALA B 315 4.45 6.83 5.32
CA ALA B 315 4.25 5.81 6.37
C ALA B 315 3.63 4.52 5.80
N MET B 316 2.70 4.65 4.83
CA MET B 316 2.03 3.48 4.22
C MET B 316 3.00 2.71 3.34
N ASN B 317 3.94 3.43 2.69
CA ASN B 317 4.94 2.82 1.81
C ASN B 317 6.18 2.27 2.52
N SER B 318 6.37 2.60 3.82
CA SER B 318 7.55 2.18 4.59
C SER B 318 7.71 0.65 4.67
N SER B 319 8.93 0.17 4.96
CA SER B 319 9.21 -1.27 5.02
C SER B 319 8.28 -2.05 5.96
N PRO B 320 8.04 -1.55 7.19
CA PRO B 320 7.15 -2.31 8.11
C PRO B 320 5.68 -2.32 7.75
N VAL B 321 5.16 -1.28 7.11
CA VAL B 321 3.74 -1.19 6.82
C VAL B 321 3.36 -1.73 5.46
N TYR B 322 4.08 -1.33 4.39
CA TYR B 322 3.76 -1.73 3.02
C TYR B 322 3.60 -3.25 2.83
N ARG B 323 4.36 -4.02 3.63
CA ARG B 323 4.34 -5.49 3.56
C ARG B 323 3.15 -6.15 4.26
N LEU B 324 2.26 -5.39 4.92
CA LEU B 324 1.15 -5.95 5.69
C LEU B 324 -0.07 -6.31 4.85
N ASP B 325 0.09 -7.35 4.03
CA ASP B 325 -0.92 -7.84 3.10
C ASP B 325 -2.28 -8.14 3.70
N HIS B 326 -2.31 -8.75 4.89
CA HIS B 326 -3.57 -9.11 5.55
C HIS B 326 -4.33 -7.90 6.03
N THR B 327 -3.62 -6.81 6.36
CA THR B 327 -4.24 -5.58 6.83
C THR B 327 -4.85 -4.87 5.64
N PHE B 328 -4.03 -4.64 4.61
CA PHE B 328 -4.44 -3.96 3.38
C PHE B 328 -5.56 -4.71 2.66
N GLU B 329 -5.61 -6.06 2.81
CA GLU B 329 -6.70 -6.86 2.24
C GLU B 329 -8.10 -6.47 2.81
N GLN B 330 -8.16 -6.03 4.09
CA GLN B 330 -9.43 -5.63 4.71
C GLN B 330 -9.73 -4.15 4.61
N ILE B 331 -8.84 -3.35 4.00
CA ILE B 331 -9.08 -1.93 3.76
C ILE B 331 -10.04 -1.83 2.57
N PRO B 332 -11.18 -1.10 2.68
CA PRO B 332 -12.09 -1.01 1.53
C PRO B 332 -11.40 -0.50 0.26
N SER B 333 -11.83 -0.99 -0.91
CA SER B 333 -11.24 -0.59 -2.20
C SER B 333 -11.19 0.92 -2.40
N ARG B 334 -12.22 1.62 -1.92
CA ARG B 334 -12.34 3.08 -2.00
C ARG B 334 -11.14 3.79 -1.34
N GLN B 335 -10.68 3.25 -0.20
CA GLN B 335 -9.58 3.76 0.63
C GLN B 335 -8.25 3.41 -0.02
N LYS B 336 -8.15 2.20 -0.57
CA LYS B 336 -6.94 1.74 -1.28
C LYS B 336 -6.75 2.61 -2.52
N LYS B 337 -7.87 2.95 -3.20
CA LYS B 337 -7.86 3.83 -4.39
C LYS B 337 -7.37 5.24 -4.02
N ILE B 338 -7.82 5.78 -2.88
CA ILE B 338 -7.38 7.10 -2.37
C ILE B 338 -5.86 7.06 -2.14
N LEU B 339 -5.38 5.97 -1.48
CA LEU B 339 -3.95 5.80 -1.24
C LEU B 339 -3.15 5.66 -2.56
N GLU B 340 -3.66 4.87 -3.51
CA GLU B 340 -2.99 4.70 -4.81
C GLU B 340 -2.86 6.03 -5.55
N GLU B 341 -3.93 6.83 -5.53
CA GLU B 341 -3.95 8.16 -6.17
C GLU B 341 -3.02 9.14 -5.45
N ALA B 342 -2.91 9.02 -4.12
CA ALA B 342 -1.98 9.83 -3.31
C ALA B 342 -0.54 9.40 -3.64
N HIS B 343 -0.29 8.09 -3.79
CA HIS B 343 1.05 7.60 -4.20
C HIS B 343 1.47 8.19 -5.57
N GLU B 344 0.49 8.26 -6.48
CA GLU B 344 0.63 8.74 -7.88
C GLU B 344 1.04 10.23 -7.96
N LEU B 345 0.85 11.00 -6.85
CA LEU B 345 1.36 12.38 -6.71
C LEU B 345 2.86 12.45 -7.00
N SER B 346 3.61 11.43 -6.51
CA SER B 346 5.08 11.36 -6.55
C SER B 346 5.70 10.76 -7.82
N GLU B 347 4.96 9.94 -8.53
CA GLU B 347 5.46 9.29 -9.75
C GLU B 347 5.74 10.30 -10.88
N ASP B 348 6.66 9.96 -11.79
CA ASP B 348 7.05 10.81 -12.93
C ASP B 348 7.56 12.19 -12.45
N HIS B 349 8.54 12.15 -11.54
CA HIS B 349 9.17 13.33 -10.91
C HIS B 349 8.14 14.35 -10.42
N TYR B 350 7.11 13.85 -9.71
CA TYR B 350 6.04 14.64 -9.09
C TYR B 350 5.14 15.42 -10.07
N LYS B 351 4.91 14.92 -11.30
CA LYS B 351 4.07 15.60 -12.30
C LYS B 351 2.65 15.92 -11.81
N LYS B 352 1.95 14.93 -11.24
CA LYS B 352 0.58 15.14 -10.78
C LYS B 352 0.57 16.19 -9.66
N TYR B 353 1.46 15.99 -8.67
CA TYR B 353 1.59 16.92 -7.55
C TYR B 353 1.83 18.35 -8.03
N LEU B 354 2.78 18.53 -8.96
CA LEU B 354 3.09 19.87 -9.49
C LEU B 354 1.87 20.53 -10.12
N ALA B 355 1.05 19.80 -10.91
CA ALA B 355 -0.15 20.39 -11.52
C ALA B 355 -1.23 20.66 -10.45
N LYS B 356 -1.37 19.76 -9.46
CA LYS B 356 -2.36 19.93 -8.38
C LYS B 356 -2.00 21.12 -7.49
N LEU B 357 -0.70 21.34 -7.22
CA LEU B 357 -0.26 22.48 -6.43
C LEU B 357 -0.64 23.81 -7.11
N ARG B 358 -0.44 23.89 -8.44
CA ARG B 358 -0.79 25.09 -9.22
C ARG B 358 -2.30 25.24 -9.45
N SER B 359 -3.04 24.12 -9.59
CA SER B 359 -4.48 24.18 -9.89
C SER B 359 -5.40 24.50 -8.69
N ILE B 360 -5.01 24.15 -7.46
CA ILE B 360 -5.84 24.40 -6.28
C ILE B 360 -5.85 25.87 -5.87
N ASN B 361 -6.85 26.25 -5.06
CA ASN B 361 -7.00 27.61 -4.53
C ASN B 361 -6.40 27.67 -3.12
N PRO B 362 -5.68 28.75 -2.74
CA PRO B 362 -5.11 28.81 -1.36
C PRO B 362 -6.14 28.77 -0.23
N PRO B 363 -5.74 28.44 1.01
CA PRO B 363 -4.38 28.12 1.48
C PRO B 363 -3.98 26.67 1.26
N CYS B 364 -2.66 26.42 1.30
CA CYS B 364 -2.09 25.10 1.10
C CYS B 364 -0.77 24.95 1.85
N VAL B 365 -0.33 23.69 2.01
CA VAL B 365 0.98 23.40 2.59
C VAL B 365 1.68 22.51 1.56
N PRO B 366 2.63 23.07 0.78
CA PRO B 366 3.34 22.23 -0.21
C PRO B 366 4.19 21.13 0.44
N PHE B 367 4.45 20.07 -0.34
CA PHE B 367 5.28 18.96 0.10
C PHE B 367 6.68 19.50 0.17
N PHE B 368 7.26 19.55 1.38
CA PHE B 368 8.58 20.13 1.59
C PHE B 368 9.74 19.27 1.07
N GLY B 369 9.59 17.95 1.19
CA GLY B 369 10.63 16.99 0.80
C GLY B 369 11.17 17.14 -0.61
N ILE B 370 10.30 17.49 -1.58
CA ILE B 370 10.71 17.67 -2.98
C ILE B 370 11.76 18.78 -3.13
N TYR B 371 11.64 19.88 -2.35
CA TYR B 371 12.61 20.98 -2.45
C TYR B 371 13.98 20.52 -1.98
N LEU B 372 14.03 19.81 -0.84
CA LEU B 372 15.28 19.27 -0.30
C LEU B 372 15.93 18.33 -1.29
N THR B 373 15.12 17.47 -1.94
CA THR B 373 15.64 16.54 -2.95
C THR B 373 16.28 17.32 -4.10
N ASN B 374 15.57 18.32 -4.65
CA ASN B 374 16.06 19.13 -5.77
C ASN B 374 17.28 19.98 -5.40
N ILE B 375 17.32 20.51 -4.18
CA ILE B 375 18.44 21.30 -3.70
C ILE B 375 19.66 20.37 -3.57
N LEU B 376 19.50 19.19 -2.92
CA LEU B 376 20.63 18.25 -2.78
C LEU B 376 21.17 17.78 -4.14
N LYS B 377 20.30 17.59 -5.15
CA LYS B 377 20.79 17.21 -6.49
C LYS B 377 21.58 18.34 -7.13
N THR B 378 21.16 19.59 -6.90
CA THR B 378 21.86 20.76 -7.42
C THR B 378 23.20 20.92 -6.69
N GLU B 379 23.19 20.76 -5.35
CA GLU B 379 24.42 20.89 -4.55
C GLU B 379 25.46 19.84 -4.95
N GLU B 380 25.03 18.59 -5.16
CA GLU B 380 25.92 17.50 -5.53
C GLU B 380 26.29 17.48 -7.01
N GLY B 381 25.36 17.89 -7.88
CA GLY B 381 25.55 17.85 -9.33
C GLY B 381 26.34 18.99 -9.96
N ASN B 382 26.71 20.03 -9.19
CA ASN B 382 27.44 21.21 -9.71
C ASN B 382 28.68 21.48 -8.89
N PRO B 383 29.80 21.92 -9.48
CA PRO B 383 31.00 22.16 -8.65
C PRO B 383 30.96 23.47 -7.87
N GLU B 384 31.65 23.47 -6.72
CA GLU B 384 31.75 24.63 -5.83
C GLU B 384 32.45 25.79 -6.52
N VAL B 385 33.45 25.49 -7.36
CA VAL B 385 34.22 26.49 -8.10
C VAL B 385 34.28 26.15 -9.57
N LEU B 386 34.63 27.13 -10.39
CA LEU B 386 34.93 26.95 -11.81
C LEU B 386 36.41 27.31 -11.96
N LYS B 387 37.14 26.62 -12.84
CA LYS B 387 38.57 26.86 -13.07
C LYS B 387 38.72 27.58 -14.42
N ARG B 388 39.46 28.68 -14.45
CA ARG B 388 39.69 29.45 -15.68
C ARG B 388 41.13 29.95 -15.64
N HIS B 389 41.97 29.45 -16.56
CA HIS B 389 43.40 29.80 -16.65
C HIS B 389 44.17 29.57 -15.34
N GLY B 390 43.88 28.47 -14.67
CA GLY B 390 44.52 28.11 -13.40
C GLY B 390 43.93 28.72 -12.15
N LYS B 391 43.06 29.75 -12.28
CA LYS B 391 42.45 30.44 -11.14
C LYS B 391 41.09 29.83 -10.80
N GLU B 392 40.78 29.71 -9.49
CA GLU B 392 39.49 29.20 -9.00
C GLU B 392 38.51 30.37 -8.86
N LEU B 393 37.27 30.21 -9.34
CA LEU B 393 36.22 31.23 -9.26
C LEU B 393 35.03 30.64 -8.53
N ILE B 394 34.40 31.38 -7.59
CA ILE B 394 33.21 30.88 -6.88
C ILE B 394 32.13 30.59 -7.96
N ASN B 395 31.58 29.36 -7.99
CA ASN B 395 30.53 29.02 -8.95
C ASN B 395 29.23 29.67 -8.43
N PHE B 396 28.94 30.90 -8.86
CA PHE B 396 27.78 31.64 -8.39
C PHE B 396 26.47 31.13 -9.01
N SER B 397 26.51 30.69 -10.28
CA SER B 397 25.30 30.13 -10.91
C SER B 397 24.75 28.92 -10.16
N LYS B 398 25.62 28.15 -9.49
CA LYS B 398 25.22 27.03 -8.65
C LYS B 398 24.33 27.55 -7.51
N ARG B 399 24.78 28.65 -6.86
CA ARG B 399 24.07 29.29 -5.75
C ARG B 399 22.75 29.90 -6.23
N ARG B 400 22.72 30.51 -7.43
CA ARG B 400 21.49 31.07 -8.00
C ARG B 400 20.44 29.98 -8.23
N LYS B 401 20.84 28.81 -8.72
CA LYS B 401 19.90 27.72 -8.98
C LYS B 401 19.29 27.25 -7.67
N VAL B 402 20.11 27.12 -6.62
CA VAL B 402 19.64 26.75 -5.29
C VAL B 402 18.68 27.86 -4.80
N ALA B 403 19.06 29.14 -4.98
CA ALA B 403 18.21 30.28 -4.57
C ALA B 403 16.86 30.33 -5.30
N GLU B 404 16.83 29.92 -6.60
CA GLU B 404 15.57 29.89 -7.36
C GLU B 404 14.59 28.87 -6.72
N ILE B 405 15.09 27.71 -6.25
CA ILE B 405 14.25 26.72 -5.58
C ILE B 405 13.72 27.28 -4.24
N THR B 406 14.56 27.96 -3.45
CA THR B 406 14.11 28.59 -2.19
C THR B 406 13.06 29.67 -2.47
N GLY B 407 13.13 30.30 -3.64
CA GLY B 407 12.16 31.29 -4.09
C GLY B 407 10.79 30.65 -4.32
N GLU B 408 10.78 29.39 -4.83
CA GLU B 408 9.54 28.63 -5.03
C GLU B 408 8.94 28.29 -3.67
N ILE B 409 9.80 27.99 -2.66
CA ILE B 409 9.34 27.72 -1.30
C ILE B 409 8.61 28.95 -0.78
N GLN B 410 9.22 30.14 -0.91
CA GLN B 410 8.68 31.41 -0.41
C GLN B 410 7.33 31.83 -0.98
N GLN B 411 7.01 31.48 -2.23
CA GLN B 411 5.74 31.88 -2.83
C GLN B 411 4.51 31.30 -2.10
N TYR B 412 4.69 30.22 -1.31
CA TYR B 412 3.60 29.61 -0.56
C TYR B 412 3.66 29.86 0.94
N GLN B 413 4.54 30.79 1.40
CA GLN B 413 4.70 31.06 2.84
C GLN B 413 3.76 32.15 3.42
N ASN B 414 2.77 32.67 2.67
CA ASN B 414 1.82 33.65 3.20
C ASN B 414 0.38 33.16 2.95
N GLN B 415 0.09 31.92 3.39
CA GLN B 415 -1.21 31.28 3.21
C GLN B 415 -1.74 30.75 4.56
N PRO B 416 -2.08 31.66 5.50
CA PRO B 416 -2.62 31.21 6.79
C PRO B 416 -3.97 30.50 6.66
N TYR B 417 -4.23 29.56 7.55
CA TYR B 417 -5.46 28.79 7.55
C TYR B 417 -6.52 29.37 8.47
N CYS B 418 -7.79 29.34 8.02
CA CYS B 418 -8.92 29.78 8.85
C CYS B 418 -9.38 28.60 9.70
N LEU B 419 -8.53 28.21 10.66
CA LEU B 419 -8.75 27.07 11.55
C LEU B 419 -8.27 27.47 12.93
N ARG B 420 -9.02 27.09 13.95
CA ARG B 420 -8.71 27.40 15.33
C ARG B 420 -7.68 26.44 15.92
N VAL B 421 -6.67 27.00 16.62
CA VAL B 421 -5.65 26.20 17.31
C VAL B 421 -6.32 25.58 18.54
N GLU B 422 -6.09 24.29 18.76
CA GLU B 422 -6.51 23.57 19.95
C GLU B 422 -5.16 23.33 20.61
N SER B 423 -4.83 24.13 21.64
CA SER B 423 -3.52 24.11 22.30
C SER B 423 -3.06 22.78 22.84
N ASP B 424 -3.98 21.94 23.34
CA ASP B 424 -3.57 20.64 23.86
C ASP B 424 -3.23 19.65 22.73
N ILE B 425 -4.00 19.68 21.63
CA ILE B 425 -3.76 18.81 20.47
C ILE B 425 -2.47 19.28 19.79
N LYS B 426 -2.29 20.60 19.65
CA LYS B 426 -1.08 21.21 19.09
C LYS B 426 0.13 20.66 19.85
N ARG B 427 0.10 20.75 21.20
CA ARG B 427 1.18 20.24 22.06
C ARG B 427 1.41 18.74 21.85
N PHE B 428 0.31 17.96 21.80
CA PHE B 428 0.36 16.53 21.59
C PHE B 428 1.16 16.19 20.30
N PHE B 429 0.92 16.92 19.21
CA PHE B 429 1.62 16.66 17.95
C PHE B 429 3.03 17.27 17.94
N GLU B 430 3.23 18.36 18.67
CA GLU B 430 4.55 18.96 18.82
C GLU B 430 5.47 18.08 19.65
N ASN B 431 4.90 17.28 20.58
CA ASN B 431 5.69 16.43 21.46
C ASN B 431 5.77 14.97 21.06
N LEU B 432 5.35 14.61 19.81
CA LEU B 432 5.48 13.22 19.35
C LEU B 432 6.94 12.81 19.46
N ASN B 433 7.20 11.66 20.09
CA ASN B 433 8.54 11.16 20.27
C ASN B 433 8.47 9.63 20.11
N PRO B 434 8.15 9.13 18.90
CA PRO B 434 8.03 7.66 18.73
C PRO B 434 9.29 6.86 19.01
N MET B 435 10.47 7.43 18.71
CA MET B 435 11.73 6.73 18.91
C MET B 435 12.14 6.57 20.38
N GLY B 436 11.73 7.49 21.24
CA GLY B 436 12.10 7.47 22.66
C GLY B 436 13.60 7.57 22.83
N ASN B 437 14.21 6.66 23.60
CA ASN B 437 15.66 6.63 23.76
C ASN B 437 16.37 5.91 22.61
N SER B 438 15.62 5.28 21.67
CA SER B 438 16.23 4.62 20.50
C SER B 438 16.70 5.66 19.49
N MET B 439 17.77 5.36 18.73
CA MET B 439 18.20 6.19 17.60
C MET B 439 17.30 5.73 16.44
N GLU B 440 17.32 6.41 15.30
CA GLU B 440 16.41 6.07 14.22
C GLU B 440 16.60 4.66 13.62
N LYS B 441 17.86 4.22 13.37
CA LYS B 441 18.12 2.87 12.82
C LYS B 441 17.56 1.75 13.71
N GLU B 442 17.84 1.78 15.03
CA GLU B 442 17.35 0.74 15.91
C GLU B 442 15.80 0.85 16.10
N PHE B 443 15.18 2.05 15.90
CA PHE B 443 13.71 2.17 15.94
C PHE B 443 13.05 1.55 14.70
N THR B 444 13.58 1.83 13.50
CA THR B 444 13.05 1.27 12.25
C THR B 444 13.30 -0.24 12.17
N ASP B 445 14.42 -0.73 12.73
CA ASP B 445 14.70 -2.18 12.80
C ASP B 445 13.68 -2.82 13.71
N TYR B 446 13.37 -2.15 14.83
CA TYR B 446 12.37 -2.61 15.79
C TYR B 446 10.98 -2.67 15.11
N LEU B 447 10.60 -1.60 14.38
CA LEU B 447 9.29 -1.55 13.70
C LEU B 447 9.14 -2.69 12.70
N PHE B 448 10.20 -2.93 11.91
CA PHE B 448 10.23 -3.97 10.89
C PHE B 448 10.11 -5.35 11.52
N ASN B 449 10.85 -5.60 12.62
CA ASN B 449 10.77 -6.87 13.35
C ASN B 449 9.39 -7.06 13.97
N LYS B 450 8.75 -5.97 14.39
CA LYS B 450 7.38 -6.03 14.90
C LYS B 450 6.41 -6.37 13.75
N SER B 451 6.68 -5.86 12.54
CA SER B 451 5.87 -6.18 11.36
C SER B 451 5.96 -7.71 11.05
N LEU B 452 7.15 -8.31 11.18
CA LEU B 452 7.33 -9.76 10.95
C LEU B 452 6.62 -10.57 12.03
N GLU B 453 6.57 -10.06 13.26
CA GLU B 453 5.89 -10.74 14.35
C GLU B 453 4.36 -10.77 14.12
N ILE B 454 3.75 -9.63 13.78
CA ILE B 454 2.29 -9.51 13.61
C ILE B 454 1.76 -10.18 12.32
N GLU B 455 2.58 -10.18 11.26
CA GLU B 455 2.26 -10.80 9.98
C GLU B 455 3.49 -11.52 9.46
N PRO B 456 3.73 -12.78 9.92
CA PRO B 456 4.93 -13.52 9.47
C PRO B 456 4.98 -13.79 7.98
N ARG B 457 6.18 -13.96 7.40
CA ARG B 457 6.33 -14.24 5.97
C ARG B 457 5.55 -15.52 5.61
N ASN B 458 4.86 -15.50 4.44
CA ASN B 458 3.91 -16.51 3.92
C ASN B 458 4.05 -17.95 4.42
N PRO B 459 5.22 -18.65 4.30
CA PRO B 459 5.26 -20.05 4.78
C PRO B 459 4.74 -20.22 6.21
N LYS B 460 5.13 -19.31 7.13
CA LYS B 460 4.62 -19.33 8.50
C LYS B 460 3.17 -18.83 8.51
N PRO B 461 2.25 -19.44 9.30
CA PRO B 461 0.86 -18.94 9.31
C PRO B 461 0.66 -17.65 10.09
N LEU B 462 -0.54 -17.07 9.94
CA LEU B 462 -0.89 -15.83 10.61
C LEU B 462 -1.41 -16.11 12.02
N PRO B 463 -0.69 -15.71 13.10
CA PRO B 463 -1.24 -15.94 14.45
C PRO B 463 -2.26 -14.90 14.84
N ARG B 464 -2.99 -15.19 15.93
CA ARG B 464 -4.02 -14.35 16.52
C ARG B 464 -3.37 -13.54 17.65
N PHE B 465 -3.77 -12.27 17.81
CA PHE B 465 -3.25 -11.43 18.90
C PHE B 465 -4.44 -10.80 19.60
N PRO B 466 -4.37 -10.63 20.95
CA PRO B 466 -5.52 -10.03 21.66
C PRO B 466 -5.70 -8.53 21.42
N LYS B 467 -6.92 -8.04 21.67
CA LYS B 467 -7.24 -6.63 21.51
C LYS B 467 -6.54 -5.77 22.58
N LYS B 468 -5.96 -4.64 22.16
CA LYS B 468 -5.30 -3.68 23.05
C LYS B 468 -6.15 -2.44 23.37
N TYR B 469 -7.21 -2.15 22.58
CA TYR B 469 -8.05 -0.95 22.78
C TYR B 469 -9.39 -1.28 23.45
N SER B 470 -9.68 -0.63 24.59
CA SER B 470 -10.93 -0.82 25.33
C SER B 470 -12.10 -0.01 24.75
N TYR B 471 -11.80 1.08 24.06
CA TYR B 471 -12.81 2.00 23.50
C TYR B 471 -13.30 1.58 22.11
N PRO B 472 -14.43 2.14 21.59
CA PRO B 472 -14.91 1.73 20.26
C PRO B 472 -13.98 2.13 19.12
N LEU B 473 -13.93 1.29 18.08
CA LEU B 473 -13.05 1.49 16.93
C LEU B 473 -13.71 2.20 15.75
N LYS B 474 -15.06 2.27 15.71
CA LYS B 474 -15.74 2.93 14.61
C LYS B 474 -15.26 4.38 14.54
N SER B 475 -15.01 4.88 13.33
CA SER B 475 -14.57 6.25 13.13
C SER B 475 -15.78 7.17 13.10
N PRO B 476 -15.68 8.44 13.57
CA PRO B 476 -16.82 9.37 13.38
C PRO B 476 -16.90 9.90 11.96
N GLY B 477 -15.89 9.60 11.12
CA GLY B 477 -15.85 10.02 9.72
C GLY B 477 -15.12 11.32 9.51
N VAL B 478 -15.13 11.80 8.25
CA VAL B 478 -14.46 13.04 7.84
C VAL B 478 -15.43 14.18 7.52
N ARG B 479 -16.75 13.98 7.72
CA ARG B 479 -17.72 15.06 7.49
C ARG B 479 -17.84 15.84 8.79
N PRO B 480 -17.77 17.20 8.78
CA PRO B 480 -17.95 17.96 10.05
C PRO B 480 -19.33 17.75 10.69
N1 IMD C . 18.99 -19.10 -30.73
C2 IMD C . 18.35 -20.13 -30.21
N3 IMD C . 17.41 -20.51 -31.04
C4 IMD C . 17.43 -19.69 -32.13
C5 IMD C . 18.42 -18.81 -31.94
N1 IMD D . -34.67 -17.21 23.36
C2 IMD D . -34.79 -16.89 22.10
N3 IMD D . -33.61 -16.97 21.54
C4 IMD D . -32.69 -17.35 22.47
C5 IMD D . -33.35 -17.44 23.63
C4 LBK E . -27.38 -16.06 18.77
C5 LBK E . -25.84 -14.56 20.55
C10 LBK E . -26.47 -13.94 19.48
C15 LBK E . -29.16 -20.47 20.35
C17 LBK E . -28.16 -14.63 16.36
C20 LBK E . -30.32 -20.13 19.67
C21 LBK E . -30.47 -20.69 22.37
C22 LBK E . -31.56 -20.13 20.31
C1 LBK E . -26.78 -16.71 19.89
C11 LBK E . -25.54 -17.80 22.01
C12 LBK E . -27.81 -20.39 19.66
C16 LBK E . -27.78 -21.14 18.34
C18 LBK E . -25.83 -11.75 20.18
C19 LBK E . -29.24 -20.68 21.72
C2 LBK E . -26.00 -15.94 20.77
C23 LBK E . -31.62 -20.41 21.67
C3 LBK E . -26.87 -18.12 20.20
C9 LBK E . -27.22 -14.72 18.57
N6 LBK E . -25.36 -16.49 21.86
N7 LBK E . -27.55 -18.99 19.38
N8 LBK E . -26.24 -18.64 21.26
O13 LBK E . -27.82 -13.99 17.57
O14 LBK E . -26.41 -12.62 19.20
H25 LBK E . -28.00 -16.66 18.10
H26 LBK E . -25.22 -14.03 21.26
H32 LBK E . -28.60 -13.92 15.66
H33 LBK E . -28.94 -15.37 16.60
H34 LBK E . -27.32 -15.13 15.88
H39 LBK E . -30.31 -19.90 18.60
H40 LBK E . -30.51 -20.89 23.44
H41 LBK E . -32.47 -19.91 19.76
H28 LBK E . -25.02 -18.25 22.87
H24 LBK E . -27.06 -20.88 20.30
H31 LBK E . -28.52 -20.80 17.62
H29 LBK E . -27.96 -22.21 18.48
H30 LBK E . -26.82 -21.05 17.87
H35 LBK E . -25.83 -10.72 19.84
H36 LBK E . -24.81 -12.03 20.45
H37 LBK E . -26.47 -11.84 21.05
H38 LBK E . -28.32 -20.90 22.29
H42 LBK E . -32.58 -20.39 22.19
H27 LBK E . -28.03 -18.62 18.56
N1 IMD F . 41.21 57.25 -6.83
C2 IMD F . 40.97 57.31 -8.13
N3 IMD F . 42.12 57.38 -8.77
C4 IMD F . 43.13 57.38 -7.84
C5 IMD F . 42.56 57.29 -6.64
N1 IMD G . 0.00 -4.17 0.48
C2 IMD G . -1.15 -4.41 -0.12
N3 IMD G . -1.26 -3.58 -1.13
C4 IMD G . -0.16 -2.80 -1.18
C5 IMD G . 0.65 -3.19 -0.19
C4 LBK H . 3.75 1.70 -3.36
C5 LBK H . 3.65 1.12 -6.10
C10 LBK H . 4.78 0.82 -5.37
C15 LBK H . -0.62 2.37 -1.01
C17 LBK H . 6.39 1.38 -2.18
C20 LBK H . -0.04 1.70 0.05
C21 LBK H . -2.38 0.72 -1.05
C22 LBK H . -0.64 0.57 0.59
C1 LBK H . 2.57 1.99 -4.10
C11 LBK H . 0.42 2.56 -5.63
C12 LBK H . 0.08 3.54 -1.66
C16 LBK H . 0.48 4.63 -0.67
C18 LBK H . 5.77 -0.50 -7.08
C19 LBK H . -1.76 1.83 -1.59
C2 LBK H . 2.54 1.72 -5.49
C23 LBK H . -1.83 0.08 0.04
C3 LBK H . 1.37 2.60 -3.56
C9 LBK H . 4.84 1.13 -3.99
N6 LBK H . 1.44 1.99 -6.27
N7 LBK H . 1.30 3.02 -2.27
N8 LBK H . 0.31 2.88 -4.35
O13 LBK H . 6.00 0.74 -3.37
O14 LBK H . 5.90 0.21 -5.87
H25 LBK H . 3.77 1.90 -2.30
H26 LBK H . 3.57 0.96 -7.16
H32 LBK H . 7.34 0.97 -1.82
H33 LBK H . 5.63 1.18 -1.43
H34 LBK H . 6.50 2.46 -2.32
H39 LBK H . 0.89 2.04 0.52
H40 LBK H . -3.29 0.35 -1.50
H41 LBK H . -0.20 0.04 1.46
H28 LBK H . -0.46 2.79 -6.24
H24 LBK H . -0.62 4.02 -2.37
H31 LBK H . 1.14 4.27 0.11
H29 LBK H . -0.39 5.06 -0.19
H30 LBK H . 0.99 5.43 -1.18
H35 LBK H . 6.72 -0.92 -7.42
H36 LBK H . 5.35 0.06 -7.92
H37 LBK H . 5.10 -1.33 -6.83
H38 LBK H . -2.19 2.32 -2.48
H42 LBK H . -2.31 -0.81 0.45
H27 LBK H . 2.07 2.83 -1.63
#